data_8CUK
#
_entry.id   8CUK
#
_cell.length_a   89.084
_cell.length_b   113.159
_cell.length_c   129.758
_cell.angle_alpha   90.000
_cell.angle_beta   90.000
_cell.angle_gamma   90.000
#
_symmetry.space_group_name_H-M   'P 21 21 21'
#
loop_
_entity.id
_entity.type
_entity.pdbx_description
1 polymer 'E3 ubiquitin-protein ligase PEP5'
2 water water
#
_entity_poly.entity_id   1
_entity_poly.type   'polypeptide(L)'
_entity_poly.pdbx_seq_one_letter_code
;MKHHHHHHHGAAGTSLYKKAGENLYFQGSMSLSSWRQFQLFENIPIRDPNFGGDSLLYSDPTLCAATIVDPQTLIIAVNS
NIIKVVKLNQSQVIHEFQSFPHDFQITFLKVINGEFLVALAESIGKPSLIRVYKLEKLPNREQLYHSQVELKNGNNTYPI
SVVSISNDLSCIVVGFINGKIILIRGDISRDRGSQQRIIYEDPSKEPITALFLNNDATACFAATTSRILLFNTTGRNRGR
PSLVLNSKNGLDLNCGSFNPATNEFICCLSNFIEFFSSSGKKHQFAFDLSLRKRIFCVDKDHILIVTEETGVPTTSISVN
ELSPTIINRIFIIDAKNKIISLNFVVSSAIIDIFSTSQSGKNITYLLTSEGVMHRITPK
;
_entity_poly.pdbx_strand_id   A,B,C
#
# COMPACT_ATOMS: atom_id res chain seq x y z
N TRP A 35 -39.71 -17.38 34.96
CA TRP A 35 -39.92 -17.27 33.51
C TRP A 35 -41.20 -17.98 33.06
N ARG A 36 -42.20 -17.17 32.70
CA ARG A 36 -43.52 -17.70 32.33
C ARG A 36 -43.52 -18.22 30.90
N GLN A 37 -44.22 -19.32 30.70
CA GLN A 37 -44.29 -20.01 29.41
C GLN A 37 -45.60 -19.72 28.70
N PHE A 38 -45.52 -19.43 27.40
CA PHE A 38 -46.68 -19.19 26.58
C PHE A 38 -46.45 -19.83 25.21
N GLN A 39 -47.51 -20.04 24.46
CA GLN A 39 -47.41 -20.66 23.14
C GLN A 39 -47.63 -19.58 22.09
N LEU A 40 -46.59 -18.77 21.87
CA LEU A 40 -46.64 -17.65 20.95
C LEU A 40 -46.06 -17.97 19.57
N PHE A 41 -45.51 -19.19 19.38
CA PHE A 41 -45.06 -19.67 18.09
C PHE A 41 -45.75 -20.99 17.80
N GLU A 42 -45.91 -21.29 16.52
CA GLU A 42 -46.48 -22.56 16.06
C GLU A 42 -45.36 -23.40 15.46
N ASN A 43 -45.26 -24.65 15.90
CA ASN A 43 -44.30 -25.59 15.38
C ASN A 43 -45.05 -26.61 14.53
N ILE A 44 -44.68 -26.73 13.26
CA ILE A 44 -45.31 -27.66 12.34
C ILE A 44 -44.26 -28.67 11.85
N PRO A 45 -44.17 -29.85 12.48
CA PRO A 45 -43.18 -30.84 12.03
C PRO A 45 -43.60 -31.47 10.71
N ILE A 46 -42.74 -31.41 9.71
CA ILE A 46 -42.98 -31.99 8.40
C ILE A 46 -41.89 -33.01 8.08
N ARG A 47 -42.28 -34.26 7.92
CA ARG A 47 -41.33 -35.29 7.54
C ARG A 47 -41.26 -35.36 6.02
N ASP A 48 -40.04 -35.51 5.48
CA ASP A 48 -39.76 -35.69 4.05
C ASP A 48 -40.86 -36.50 3.38
N PRO A 49 -41.65 -35.88 2.49
CA PRO A 49 -42.76 -36.62 1.88
C PRO A 49 -42.32 -37.78 1.04
N ASN A 50 -41.02 -37.89 0.73
CA ASN A 50 -40.51 -39.02 -0.03
C ASN A 50 -39.91 -40.12 0.86
N PHE A 51 -39.96 -39.93 2.18
CA PHE A 51 -39.51 -40.93 3.14
C PHE A 51 -40.04 -42.31 2.80
N GLY A 52 -39.14 -43.29 2.77
CA GLY A 52 -39.52 -44.66 2.51
C GLY A 52 -39.49 -45.08 1.05
N GLY A 53 -39.08 -44.20 0.14
CA GLY A 53 -39.03 -44.51 -1.27
C GLY A 53 -37.65 -44.34 -1.85
N ASP A 54 -37.55 -44.28 -3.18
CA ASP A 54 -36.27 -44.30 -3.88
CA ASP A 54 -36.24 -44.30 -3.83
C ASP A 54 -35.81 -42.92 -4.33
N SER A 55 -36.47 -41.85 -3.89
CA SER A 55 -36.04 -40.48 -4.24
C SER A 55 -36.08 -39.59 -3.00
N LEU A 56 -35.24 -39.93 -2.02
CA LEU A 56 -35.25 -39.20 -0.76
C LEU A 56 -34.82 -37.76 -0.94
N LEU A 57 -35.43 -36.89 -0.15
CA LEU A 57 -35.06 -35.49 -0.11
C LEU A 57 -34.26 -35.27 1.18
N TYR A 58 -34.75 -34.42 2.07
CA TYR A 58 -34.00 -34.07 3.26
C TYR A 58 -34.03 -35.15 4.33
N SER A 59 -34.57 -36.34 4.05
CA SER A 59 -34.40 -37.48 4.94
C SER A 59 -33.31 -38.44 4.45
N ASP A 60 -32.70 -38.15 3.29
CA ASP A 60 -31.54 -38.90 2.80
C ASP A 60 -30.58 -39.15 3.96
N PRO A 61 -30.32 -40.41 4.32
CA PRO A 61 -29.44 -40.70 5.48
C PRO A 61 -27.98 -40.31 5.28
N THR A 62 -27.57 -39.93 4.06
CA THR A 62 -26.22 -39.43 3.77
C THR A 62 -26.15 -37.90 3.77
N LEU A 63 -27.26 -37.20 4.01
CA LEU A 63 -27.26 -35.74 3.96
C LEU A 63 -26.22 -35.18 4.93
N CYS A 64 -25.36 -34.29 4.44
CA CYS A 64 -24.30 -33.73 5.27
C CYS A 64 -24.40 -32.22 5.44
N ALA A 65 -25.24 -31.54 4.67
CA ALA A 65 -25.41 -30.10 4.84
C ALA A 65 -26.69 -29.72 4.14
N ALA A 66 -27.28 -28.61 4.59
CA ALA A 66 -28.54 -28.15 4.07
C ALA A 66 -28.63 -26.66 4.31
N THR A 67 -29.31 -25.97 3.41
CA THR A 67 -29.55 -24.54 3.57
C THR A 67 -30.82 -24.24 2.81
N ILE A 68 -31.50 -23.17 3.20
CA ILE A 68 -32.76 -22.81 2.60
C ILE A 68 -32.62 -21.50 1.81
N VAL A 69 -33.29 -21.45 0.66
CA VAL A 69 -33.28 -20.26 -0.17
C VAL A 69 -34.49 -19.38 0.10
N ASP A 70 -35.65 -20.02 0.22
CA ASP A 70 -36.90 -19.30 0.45
C ASP A 70 -37.86 -20.37 0.96
N PRO A 71 -39.11 -20.04 1.34
CA PRO A 71 -39.97 -21.08 1.97
C PRO A 71 -40.30 -22.24 1.06
N GLN A 72 -40.03 -22.13 -0.24
CA GLN A 72 -40.34 -23.20 -1.18
C GLN A 72 -39.11 -23.93 -1.69
N THR A 73 -37.90 -23.55 -1.27
CA THR A 73 -36.70 -24.05 -1.92
C THR A 73 -35.63 -24.38 -0.90
N LEU A 74 -35.28 -25.66 -0.83
CA LEU A 74 -34.22 -26.16 0.04
C LEU A 74 -33.07 -26.68 -0.82
N ILE A 75 -31.84 -26.39 -0.40
CA ILE A 75 -30.66 -26.94 -1.05
C ILE A 75 -29.96 -27.89 -0.06
N ILE A 76 -29.65 -29.10 -0.52
CA ILE A 76 -29.01 -30.08 0.35
C ILE A 76 -27.77 -30.65 -0.32
N ALA A 77 -26.93 -31.27 0.51
CA ALA A 77 -25.71 -31.94 0.06
C ALA A 77 -25.81 -33.38 0.54
N VAL A 78 -25.73 -34.32 -0.40
CA VAL A 78 -25.81 -35.75 -0.11
C VAL A 78 -24.69 -36.45 -0.88
N ASN A 79 -24.46 -37.72 -0.55
CA ASN A 79 -23.48 -38.54 -1.26
C ASN A 79 -22.10 -37.90 -1.30
N SER A 80 -21.70 -37.28 -0.19
CA SER A 80 -20.40 -36.61 -0.04
C SER A 80 -20.31 -35.29 -0.79
N ASN A 81 -20.66 -35.26 -2.08
CA ASN A 81 -20.38 -34.04 -2.83
C ASN A 81 -21.42 -33.70 -3.90
N ILE A 82 -22.65 -34.19 -3.77
CA ILE A 82 -23.75 -33.87 -4.69
CA ILE A 82 -23.74 -33.87 -4.68
C ILE A 82 -24.62 -32.79 -4.06
N ILE A 83 -24.91 -31.75 -4.83
CA ILE A 83 -25.80 -30.68 -4.38
C ILE A 83 -27.15 -30.85 -5.07
N LYS A 84 -28.24 -30.75 -4.31
CA LYS A 84 -29.58 -30.93 -4.86
C LYS A 84 -30.46 -29.76 -4.46
N VAL A 85 -31.13 -29.16 -5.44
CA VAL A 85 -32.14 -28.15 -5.19
C VAL A 85 -33.49 -28.86 -5.07
N VAL A 86 -34.17 -28.65 -3.95
CA VAL A 86 -35.43 -29.30 -3.67
C VAL A 86 -36.52 -28.25 -3.58
N LYS A 87 -37.55 -28.38 -4.41
CA LYS A 87 -38.76 -27.56 -4.29
C LYS A 87 -39.70 -28.26 -3.32
N LEU A 88 -39.86 -27.68 -2.11
CA LEU A 88 -40.59 -28.35 -1.03
C LEU A 88 -42.07 -28.57 -1.39
N ASN A 89 -42.73 -27.55 -1.91
CA ASN A 89 -44.15 -27.65 -2.24
C ASN A 89 -44.45 -28.66 -3.34
N GLN A 90 -43.42 -29.16 -4.04
CA GLN A 90 -43.60 -30.19 -5.06
C GLN A 90 -42.92 -31.50 -4.69
N SER A 91 -42.11 -31.53 -3.64
CA SER A 91 -41.38 -32.73 -3.22
C SER A 91 -40.55 -33.31 -4.37
N GLN A 92 -39.75 -32.44 -5.00
CA GLN A 92 -39.01 -32.84 -6.19
C GLN A 92 -37.64 -32.18 -6.21
N VAL A 93 -36.65 -32.93 -6.66
CA VAL A 93 -35.35 -32.37 -6.99
C VAL A 93 -35.48 -31.76 -8.38
N ILE A 94 -35.15 -30.46 -8.50
CA ILE A 94 -35.21 -29.79 -9.80
C ILE A 94 -33.83 -29.56 -10.40
N HIS A 95 -32.77 -29.63 -9.61
CA HIS A 95 -31.43 -29.56 -10.15
C HIS A 95 -30.52 -30.35 -9.22
N GLU A 96 -29.49 -30.94 -9.78
CA GLU A 96 -28.51 -31.63 -8.97
C GLU A 96 -27.22 -31.77 -9.75
N PHE A 97 -26.10 -31.68 -9.04
CA PHE A 97 -24.81 -31.84 -9.68
C PHE A 97 -23.78 -32.22 -8.63
N GLN A 98 -22.70 -32.84 -9.08
CA GLN A 98 -21.50 -33.01 -8.27
C GLN A 98 -20.72 -31.70 -8.28
N SER A 99 -20.36 -31.20 -7.10
CA SER A 99 -19.75 -29.88 -7.00
C SER A 99 -18.28 -29.93 -6.62
N PHE A 100 -17.79 -31.07 -6.16
CA PHE A 100 -16.40 -31.20 -5.72
C PHE A 100 -15.88 -32.54 -6.18
N PRO A 101 -14.55 -32.71 -6.26
CA PRO A 101 -14.00 -34.01 -6.69
C PRO A 101 -14.40 -35.15 -5.75
N HIS A 102 -14.20 -36.37 -6.27
CA HIS A 102 -14.72 -37.57 -5.61
C HIS A 102 -14.19 -37.73 -4.19
N ASP A 103 -12.97 -37.26 -3.91
CA ASP A 103 -12.34 -37.47 -2.62
C ASP A 103 -12.63 -36.35 -1.62
N PHE A 104 -13.65 -35.53 -1.86
CA PHE A 104 -14.00 -34.42 -1.00
C PHE A 104 -15.40 -34.61 -0.40
N GLN A 105 -15.60 -34.04 0.78
CA GLN A 105 -16.85 -34.11 1.52
C GLN A 105 -17.34 -32.69 1.78
N ILE A 106 -18.57 -32.39 1.34
CA ILE A 106 -19.17 -31.11 1.66
C ILE A 106 -19.46 -31.04 3.15
N THR A 107 -19.07 -29.93 3.79
CA THR A 107 -19.31 -29.71 5.21
C THR A 107 -20.11 -28.45 5.52
N PHE A 108 -20.25 -27.50 4.57
CA PHE A 108 -21.08 -26.32 4.76
C PHE A 108 -21.73 -25.91 3.44
N LEU A 109 -23.00 -25.51 3.51
CA LEU A 109 -23.72 -24.85 2.43
C LEU A 109 -24.38 -23.60 3.00
N LYS A 110 -24.30 -22.50 2.24
CA LYS A 110 -24.82 -21.22 2.66
C LYS A 110 -25.36 -20.47 1.44
N VAL A 111 -26.49 -19.81 1.61
CA VAL A 111 -27.06 -18.94 0.61
C VAL A 111 -26.81 -17.51 1.05
N ILE A 112 -26.12 -16.74 0.21
CA ILE A 112 -25.70 -15.40 0.54
C ILE A 112 -26.54 -14.43 -0.29
N ASN A 113 -27.27 -13.55 0.39
CA ASN A 113 -28.00 -12.45 -0.25
C ASN A 113 -28.98 -12.94 -1.32
N GLY A 114 -29.51 -14.15 -1.18
CA GLY A 114 -30.47 -14.64 -2.17
C GLY A 114 -29.94 -14.70 -3.59
N GLU A 115 -28.64 -14.76 -3.75
CA GLU A 115 -27.98 -14.66 -5.04
C GLU A 115 -26.92 -15.73 -5.24
N PHE A 116 -26.21 -16.10 -4.19
CA PHE A 116 -25.10 -17.04 -4.31
C PHE A 116 -25.35 -18.25 -3.44
N LEU A 117 -24.93 -19.40 -3.95
CA LEU A 117 -24.72 -20.57 -3.14
C LEU A 117 -23.24 -20.68 -2.87
N VAL A 118 -22.86 -20.77 -1.59
CA VAL A 118 -21.48 -21.02 -1.19
C VAL A 118 -21.40 -22.38 -0.53
N ALA A 119 -20.46 -23.22 -0.98
CA ALA A 119 -20.20 -24.55 -0.42
C ALA A 119 -18.73 -24.69 -0.03
N LEU A 120 -18.49 -25.28 1.13
CA LEU A 120 -17.16 -25.63 1.61
C LEU A 120 -17.04 -27.15 1.70
N ALA A 121 -15.89 -27.67 1.27
CA ALA A 121 -15.67 -29.11 1.31
C ALA A 121 -14.25 -29.41 1.76
N GLU A 122 -14.09 -30.54 2.44
CA GLU A 122 -12.82 -30.90 3.06
C GLU A 122 -12.42 -32.31 2.64
N SER A 123 -11.12 -32.60 2.76
CA SER A 123 -10.57 -33.92 2.55
C SER A 123 -9.24 -33.97 3.29
N ILE A 124 -9.13 -34.87 4.27
CA ILE A 124 -8.04 -34.78 5.22
C ILE A 124 -6.71 -34.82 4.50
N GLY A 125 -5.77 -33.97 4.93
CA GLY A 125 -4.48 -33.89 4.31
C GLY A 125 -4.42 -33.08 3.03
N LYS A 126 -5.52 -32.45 2.61
CA LYS A 126 -5.54 -31.64 1.42
C LYS A 126 -6.19 -30.30 1.74
N PRO A 127 -5.83 -29.23 1.04
CA PRO A 127 -6.46 -27.94 1.31
C PRO A 127 -7.97 -27.99 1.09
N SER A 128 -8.70 -27.35 1.99
CA SER A 128 -10.14 -27.26 1.84
C SER A 128 -10.50 -26.30 0.71
N LEU A 129 -11.72 -26.42 0.22
CA LEU A 129 -12.18 -25.68 -0.94
C LEU A 129 -13.45 -24.92 -0.61
N ILE A 130 -13.52 -23.68 -1.06
CA ILE A 130 -14.75 -22.92 -1.10
C ILE A 130 -15.12 -22.76 -2.56
N ARG A 131 -16.31 -23.20 -2.94
CA ARG A 131 -16.83 -22.94 -4.28
C ARG A 131 -18.08 -22.09 -4.18
N VAL A 132 -18.16 -21.10 -5.07
CA VAL A 132 -19.24 -20.12 -5.11
C VAL A 132 -20.01 -20.30 -6.40
N TYR A 133 -21.34 -20.30 -6.31
CA TYR A 133 -22.18 -20.44 -7.48
C TYR A 133 -23.23 -19.33 -7.49
N LYS A 134 -23.73 -19.06 -8.69
CA LYS A 134 -24.92 -18.24 -8.88
C LYS A 134 -26.14 -19.13 -8.83
N LEU A 135 -27.05 -18.84 -7.88
CA LEU A 135 -28.28 -19.62 -7.75
C LEU A 135 -28.97 -19.81 -9.10
N GLU A 136 -29.16 -18.72 -9.85
CA GLU A 136 -29.96 -18.76 -11.06
C GLU A 136 -29.30 -19.57 -12.16
N LYS A 137 -27.97 -19.74 -12.14
CA LYS A 137 -27.26 -20.54 -13.14
C LYS A 137 -26.34 -21.51 -12.40
N LEU A 138 -26.94 -22.62 -11.88
CA LEU A 138 -26.11 -23.64 -11.27
C LEU A 138 -25.57 -24.60 -12.34
N PRO A 139 -24.32 -25.05 -12.21
CA PRO A 139 -23.70 -25.86 -13.26
C PRO A 139 -24.17 -27.30 -13.17
N ASN A 140 -23.77 -28.10 -14.17
CA ASN A 140 -24.12 -29.51 -14.24
C ASN A 140 -22.94 -30.46 -14.02
N ARG A 141 -21.77 -29.93 -13.67
CA ARG A 141 -20.62 -30.80 -13.47
C ARG A 141 -19.63 -30.11 -12.55
N GLU A 142 -18.68 -30.89 -12.06
CA GLU A 142 -17.88 -30.50 -10.90
C GLU A 142 -16.85 -29.44 -11.24
N GLN A 143 -16.36 -29.40 -12.48
CA GLN A 143 -15.30 -28.45 -12.79
C GLN A 143 -15.82 -27.02 -13.02
N LEU A 144 -17.14 -26.83 -13.12
CA LEU A 144 -17.73 -25.51 -13.34
C LEU A 144 -18.14 -24.86 -12.03
N TYR A 145 -17.64 -23.66 -11.78
CA TYR A 145 -18.05 -22.90 -10.59
C TYR A 145 -17.75 -21.43 -10.84
N HIS A 146 -18.50 -20.58 -10.15
CA HIS A 146 -18.31 -19.15 -10.35
C HIS A 146 -16.98 -18.68 -9.80
N SER A 147 -16.57 -19.19 -8.64
CA SER A 147 -15.32 -18.78 -8.03
C SER A 147 -14.89 -19.82 -6.99
N GLN A 148 -13.59 -19.84 -6.70
CA GLN A 148 -13.03 -20.81 -5.77
C GLN A 148 -11.99 -20.17 -4.86
N VAL A 149 -12.02 -20.56 -3.58
CA VAL A 149 -11.00 -20.21 -2.59
C VAL A 149 -10.39 -21.51 -2.08
N GLU A 150 -9.05 -21.58 -2.09
CA GLU A 150 -8.33 -22.73 -1.55
C GLU A 150 -7.78 -22.35 -0.18
N LEU A 151 -8.10 -23.15 0.85
CA LEU A 151 -7.73 -22.85 2.23
C LEU A 151 -6.67 -23.85 2.67
N LYS A 152 -5.45 -23.37 2.88
CA LYS A 152 -4.38 -24.20 3.45
C LYS A 152 -4.28 -23.98 4.95
N ASN A 153 -4.03 -25.06 5.68
CA ASN A 153 -3.87 -24.95 7.14
C ASN A 153 -2.95 -26.09 7.60
N GLY A 154 -1.66 -25.78 7.75
CA GLY A 154 -0.73 -26.79 8.21
C GLY A 154 -0.79 -28.04 7.35
N ASN A 155 -0.73 -29.21 8.00
CA ASN A 155 -0.90 -30.49 7.31
C ASN A 155 -2.33 -30.73 6.82
N ASN A 156 -3.24 -29.77 7.01
CA ASN A 156 -4.60 -29.82 6.48
C ASN A 156 -5.38 -31.03 7.01
N THR A 157 -5.09 -31.47 8.24
CA THR A 157 -5.88 -32.49 8.92
C THR A 157 -6.88 -31.88 9.88
N TYR A 158 -6.92 -30.56 9.99
CA TYR A 158 -7.75 -29.91 10.97
C TYR A 158 -9.05 -29.48 10.33
N PRO A 159 -10.18 -30.00 10.79
CA PRO A 159 -11.46 -29.64 10.18
C PRO A 159 -11.82 -28.17 10.41
N ILE A 160 -12.52 -27.63 9.43
CA ILE A 160 -13.21 -26.35 9.61
C ILE A 160 -14.28 -26.50 10.67
N SER A 161 -14.44 -25.46 11.50
CA SER A 161 -15.49 -25.46 12.49
C SER A 161 -16.55 -24.40 12.26
N VAL A 162 -16.17 -23.24 11.76
CA VAL A 162 -17.13 -22.14 11.64
C VAL A 162 -16.75 -21.34 10.40
N VAL A 163 -17.76 -20.70 9.82
CA VAL A 163 -17.54 -19.84 8.65
C VAL A 163 -18.55 -18.71 8.70
N SER A 164 -18.10 -17.50 8.36
CA SER A 164 -18.99 -16.37 8.21
C SER A 164 -18.64 -15.60 6.93
N ILE A 165 -19.66 -15.24 6.17
CA ILE A 165 -19.54 -14.68 4.83
C ILE A 165 -20.36 -13.40 4.74
N SER A 166 -19.77 -12.35 4.20
CA SER A 166 -20.48 -11.09 4.12
C SER A 166 -21.52 -11.14 2.99
N ASN A 167 -22.50 -10.23 3.06
CA ASN A 167 -23.61 -10.29 2.11
C ASN A 167 -23.18 -9.99 0.67
N ASP A 168 -22.04 -9.33 0.46
CA ASP A 168 -21.56 -9.09 -0.91
C ASP A 168 -20.44 -10.04 -1.33
N LEU A 169 -20.06 -10.98 -0.46
CA LEU A 169 -19.04 -12.01 -0.69
C LEU A 169 -17.61 -11.48 -0.71
N SER A 170 -17.38 -10.21 -0.35
CA SER A 170 -16.04 -9.66 -0.41
C SER A 170 -15.23 -9.95 0.84
N CYS A 171 -15.86 -10.49 1.89
CA CYS A 171 -15.17 -10.79 3.14
C CYS A 171 -15.67 -12.13 3.65
N ILE A 172 -14.74 -13.06 3.91
CA ILE A 172 -15.03 -14.41 4.40
C ILE A 172 -14.05 -14.70 5.53
N VAL A 173 -14.56 -15.19 6.65
CA VAL A 173 -13.75 -15.69 7.74
C VAL A 173 -14.05 -17.17 7.94
N VAL A 174 -13.01 -17.96 8.13
CA VAL A 174 -13.13 -19.39 8.38
C VAL A 174 -12.34 -19.73 9.64
N GLY A 175 -12.98 -20.47 10.56
CA GLY A 175 -12.35 -20.92 11.79
C GLY A 175 -12.18 -22.44 11.82
N PHE A 176 -11.13 -22.90 12.50
CA PHE A 176 -10.74 -24.31 12.48
C PHE A 176 -10.64 -24.89 13.89
N ILE A 177 -10.53 -26.22 13.93
CA ILE A 177 -10.46 -26.96 15.18
C ILE A 177 -9.14 -26.73 15.91
N ASN A 178 -8.06 -26.38 15.19
CA ASN A 178 -6.78 -26.07 15.85
C ASN A 178 -6.66 -24.59 16.27
N GLY A 179 -7.72 -23.82 16.18
CA GLY A 179 -7.69 -22.45 16.64
C GLY A 179 -7.20 -21.42 15.64
N LYS A 180 -7.21 -21.74 14.35
CA LYS A 180 -6.80 -20.80 13.32
C LYS A 180 -8.03 -20.11 12.74
N ILE A 181 -7.89 -18.81 12.47
CA ILE A 181 -8.90 -18.05 11.73
C ILE A 181 -8.24 -17.47 10.49
N ILE A 182 -8.85 -17.71 9.33
CA ILE A 182 -8.35 -17.19 8.06
C ILE A 182 -9.34 -16.14 7.56
N LEU A 183 -8.83 -14.98 7.19
CA LEU A 183 -9.62 -13.92 6.58
C LEU A 183 -9.33 -13.90 5.09
N ILE A 184 -10.38 -13.97 4.28
CA ILE A 184 -10.29 -13.86 2.83
C ILE A 184 -11.03 -12.61 2.40
N ARG A 185 -10.38 -11.77 1.58
CA ARG A 185 -10.97 -10.55 1.04
C ARG A 185 -10.69 -10.46 -0.45
N GLY A 186 -11.62 -9.88 -1.18
CA GLY A 186 -11.49 -9.78 -2.62
C GLY A 186 -12.85 -9.71 -3.29
N ASP A 187 -12.81 -9.38 -4.58
CA ASP A 187 -14.04 -9.16 -5.35
C ASP A 187 -14.53 -10.50 -5.88
N ILE A 188 -14.92 -11.35 -4.93
CA ILE A 188 -15.19 -12.76 -5.24
C ILE A 188 -16.49 -12.91 -6.01
N SER A 189 -17.45 -11.99 -5.80
CA SER A 189 -18.73 -12.10 -6.50
C SER A 189 -18.58 -11.95 -8.01
N ARG A 190 -17.53 -11.28 -8.48
CA ARG A 190 -17.23 -11.18 -9.90
C ARG A 190 -15.99 -11.97 -10.29
N ASP A 191 -15.47 -12.81 -9.39
CA ASP A 191 -14.36 -13.72 -9.66
C ASP A 191 -13.08 -12.98 -10.07
N ARG A 192 -12.68 -12.02 -9.25
CA ARG A 192 -11.47 -11.24 -9.51
C ARG A 192 -10.36 -11.54 -8.49
N GLY A 193 -10.30 -12.80 -8.04
CA GLY A 193 -9.26 -13.21 -7.11
C GLY A 193 -9.47 -12.71 -5.69
N SER A 194 -8.71 -13.29 -4.76
CA SER A 194 -8.85 -12.97 -3.35
C SER A 194 -7.47 -12.94 -2.71
N GLN A 195 -7.35 -12.20 -1.61
CA GLN A 195 -6.18 -12.25 -0.75
C GLN A 195 -6.57 -12.91 0.58
N GLN A 196 -5.67 -13.73 1.11
CA GLN A 196 -5.89 -14.43 2.38
C GLN A 196 -4.87 -13.99 3.41
N ARG A 197 -5.29 -14.01 4.66
CA ARG A 197 -4.47 -13.57 5.79
C ARG A 197 -4.90 -14.32 7.03
N ILE A 198 -3.95 -14.97 7.69
CA ILE A 198 -4.19 -15.54 9.02
C ILE A 198 -4.30 -14.40 10.01
N ILE A 199 -5.42 -14.29 10.69
CA ILE A 199 -5.64 -13.20 11.63
C ILE A 199 -5.70 -13.67 13.07
N TYR A 200 -5.66 -14.99 13.33
CA TYR A 200 -5.64 -15.51 14.69
C TYR A 200 -5.15 -16.95 14.67
N GLU A 201 -4.27 -17.28 15.62
CA GLU A 201 -3.89 -18.67 15.90
C GLU A 201 -3.94 -18.86 17.40
N ASP A 202 -4.96 -19.56 17.89
CA ASP A 202 -5.17 -19.62 19.33
C ASP A 202 -3.95 -20.24 20.02
N PRO A 203 -3.36 -19.58 21.02
CA PRO A 203 -2.11 -20.10 21.61
C PRO A 203 -2.27 -21.48 22.20
N SER A 204 -3.44 -21.77 22.77
CA SER A 204 -3.70 -23.09 23.35
C SER A 204 -4.25 -24.08 22.32
N LYS A 205 -4.36 -23.69 21.06
CA LYS A 205 -4.84 -24.56 19.98
C LYS A 205 -6.26 -25.05 20.27
N GLU A 206 -7.06 -24.21 20.95
CA GLU A 206 -8.46 -24.51 21.19
C GLU A 206 -9.31 -24.22 19.95
N PRO A 207 -10.38 -24.98 19.74
CA PRO A 207 -11.21 -24.79 18.53
C PRO A 207 -11.86 -23.42 18.51
N ILE A 208 -12.06 -22.89 17.30
CA ILE A 208 -12.89 -21.71 17.13
C ILE A 208 -14.34 -22.17 17.13
N THR A 209 -15.12 -21.69 18.09
CA THR A 209 -16.46 -22.20 18.30
C THR A 209 -17.54 -21.24 17.82
N ALA A 210 -17.17 -20.01 17.47
CA ALA A 210 -18.13 -19.08 16.93
C ALA A 210 -17.38 -18.08 16.06
N LEU A 211 -18.05 -17.63 15.00
CA LEU A 211 -17.44 -16.68 14.08
C LEU A 211 -18.58 -15.98 13.35
N PHE A 212 -18.77 -14.68 13.61
CA PHE A 212 -19.85 -13.94 12.97
C PHE A 212 -19.34 -12.56 12.58
N LEU A 213 -19.43 -12.23 11.29
CA LEU A 213 -19.19 -10.86 10.85
C LEU A 213 -20.33 -9.98 11.34
N ASN A 214 -19.99 -8.75 11.71
CA ASN A 214 -21.02 -7.76 12.00
C ASN A 214 -21.60 -7.23 10.67
N ASN A 215 -22.51 -6.25 10.76
CA ASN A 215 -23.38 -5.93 9.63
C ASN A 215 -22.64 -5.30 8.45
N ASP A 216 -21.62 -4.47 8.70
CA ASP A 216 -20.82 -3.95 7.58
C ASP A 216 -19.52 -4.72 7.42
N ALA A 217 -19.42 -5.90 8.04
CA ALA A 217 -18.24 -6.76 7.96
C ALA A 217 -16.93 -6.00 8.20
N THR A 218 -16.95 -5.02 9.11
CA THR A 218 -15.70 -4.40 9.53
C THR A 218 -15.08 -5.10 10.72
N ALA A 219 -15.84 -5.95 11.41
CA ALA A 219 -15.33 -6.72 12.53
C ALA A 219 -15.95 -8.10 12.49
N CYS A 220 -15.29 -9.04 13.16
CA CYS A 220 -15.86 -10.37 13.27
CA CYS A 220 -15.79 -10.41 13.25
C CYS A 220 -15.75 -10.83 14.71
N PHE A 221 -16.90 -11.25 15.24
CA PHE A 221 -16.99 -11.82 16.57
C PHE A 221 -16.46 -13.23 16.51
N ALA A 222 -15.76 -13.64 17.57
CA ALA A 222 -15.18 -14.97 17.59
C ALA A 222 -15.18 -15.50 19.02
N ALA A 223 -15.18 -16.82 19.15
CA ALA A 223 -14.93 -17.43 20.44
C ALA A 223 -14.13 -18.72 20.25
N THR A 224 -13.42 -19.08 21.31
CA THR A 224 -12.92 -20.41 21.57
C THR A 224 -13.73 -20.99 22.73
N THR A 225 -13.31 -22.15 23.23
CA THR A 225 -14.02 -22.68 24.39
C THR A 225 -13.78 -21.86 25.66
N SER A 226 -12.74 -21.01 25.68
CA SER A 226 -12.38 -20.31 26.91
C SER A 226 -12.19 -18.79 26.77
N ARG A 227 -12.42 -18.22 25.60
CA ARG A 227 -12.33 -16.77 25.39
C ARG A 227 -13.41 -16.35 24.39
N ILE A 228 -13.86 -15.11 24.52
CA ILE A 228 -14.77 -14.49 23.56
C ILE A 228 -14.09 -13.21 23.05
N LEU A 229 -14.04 -13.05 21.73
CA LEU A 229 -13.10 -12.13 21.10
C LEU A 229 -13.76 -11.35 19.97
N LEU A 230 -13.12 -10.24 19.59
CA LEU A 230 -13.49 -9.47 18.42
C LEU A 230 -12.24 -9.13 17.63
N PHE A 231 -12.31 -9.32 16.32
CA PHE A 231 -11.24 -9.00 15.38
C PHE A 231 -11.74 -7.98 14.37
N ASN A 232 -10.96 -6.95 14.09
CA ASN A 232 -11.31 -6.12 12.95
C ASN A 232 -10.86 -6.82 11.68
N THR A 233 -11.57 -6.56 10.59
CA THR A 233 -11.32 -7.28 9.34
C THR A 233 -10.37 -6.52 8.40
N THR A 234 -9.47 -5.66 8.92
CA THR A 234 -8.48 -5.04 8.05
C THR A 234 -7.24 -5.90 7.81
N GLY A 235 -7.01 -6.94 8.62
CA GLY A 235 -5.79 -7.73 8.52
C GLY A 235 -4.50 -7.00 8.88
N ARG A 236 -4.55 -6.11 9.87
CA ARG A 236 -3.34 -5.44 10.33
C ARG A 236 -3.12 -5.69 11.82
N ASN A 237 -3.52 -6.85 12.32
CA ASN A 237 -3.73 -7.03 13.75
C ASN A 237 -2.61 -7.81 14.45
N ARG A 238 -1.52 -8.14 13.74
CA ARG A 238 -0.45 -9.02 14.26
C ARG A 238 -0.98 -10.33 14.85
N GLY A 239 -2.06 -10.88 14.29
CA GLY A 239 -2.66 -12.08 14.83
C GLY A 239 -3.36 -11.91 16.16
N ARG A 240 -3.71 -10.69 16.54
CA ARG A 240 -4.24 -10.37 17.85
C ARG A 240 -5.67 -9.86 17.74
N PRO A 241 -6.49 -10.03 18.77
CA PRO A 241 -7.85 -9.50 18.72
C PRO A 241 -7.82 -7.99 18.85
N SER A 242 -8.96 -7.38 18.49
CA SER A 242 -9.15 -5.95 18.69
C SER A 242 -9.86 -5.66 20.00
N LEU A 243 -10.69 -6.59 20.45
CA LEU A 243 -11.34 -6.52 21.74
C LEU A 243 -11.35 -7.90 22.36
N VAL A 244 -11.07 -7.96 23.66
CA VAL A 244 -11.35 -9.14 24.46
C VAL A 244 -12.72 -8.90 25.08
N LEU A 245 -13.72 -9.68 24.63
CA LEU A 245 -15.08 -9.52 25.12
C LEU A 245 -15.30 -10.25 26.44
N ASN A 246 -14.75 -11.45 26.57
CA ASN A 246 -14.77 -12.20 27.82
C ASN A 246 -13.44 -12.93 27.92
N SER A 247 -12.61 -12.53 28.89
CA SER A 247 -11.29 -13.12 29.04
C SER A 247 -11.29 -14.35 29.93
N LYS A 248 -12.43 -14.68 30.55
CA LYS A 248 -12.50 -15.77 31.51
C LYS A 248 -13.23 -17.01 31.00
N ASN A 249 -14.12 -16.87 30.03
CA ASN A 249 -14.89 -17.99 29.50
C ASN A 249 -15.09 -17.83 28.00
N GLY A 250 -15.39 -18.95 27.35
CA GLY A 250 -15.68 -18.94 25.93
C GLY A 250 -17.06 -19.50 25.63
N LEU A 251 -17.20 -20.14 24.46
CA LEU A 251 -18.45 -20.70 24.00
C LEU A 251 -18.23 -22.13 23.53
N ASP A 252 -19.18 -23.00 23.82
CA ASP A 252 -19.22 -24.27 23.12
C ASP A 252 -19.70 -24.08 21.68
N LEU A 253 -19.43 -25.09 20.86
CA LEU A 253 -19.88 -25.10 19.47
C LEU A 253 -21.36 -24.75 19.39
N ASN A 254 -21.70 -23.87 18.46
CA ASN A 254 -23.07 -23.45 18.17
C ASN A 254 -23.73 -22.66 19.29
N CYS A 255 -22.98 -22.19 20.28
CA CYS A 255 -23.57 -21.44 21.38
C CYS A 255 -23.41 -19.95 21.21
N GLY A 256 -22.88 -19.51 20.08
CA GLY A 256 -22.93 -18.12 19.66
C GLY A 256 -23.90 -17.98 18.52
N SER A 257 -24.51 -16.80 18.42
CA SER A 257 -25.33 -16.46 17.28
C SER A 257 -25.25 -14.96 17.08
N PHE A 258 -25.84 -14.47 16.00
CA PHE A 258 -25.69 -13.06 15.66
C PHE A 258 -27.03 -12.46 15.26
N ASN A 259 -27.32 -11.28 15.79
CA ASN A 259 -28.59 -10.59 15.60
C ASN A 259 -28.41 -9.42 14.63
N PRO A 260 -28.76 -9.57 13.34
CA PRO A 260 -28.65 -8.45 12.40
C PRO A 260 -29.42 -7.21 12.81
N ALA A 261 -30.61 -7.38 13.40
CA ALA A 261 -31.43 -6.21 13.73
C ALA A 261 -30.78 -5.31 14.76
N THR A 262 -29.95 -5.87 15.65
CA THR A 262 -29.31 -5.05 16.67
C THR A 262 -27.82 -4.98 16.49
N ASN A 263 -27.28 -5.71 15.51
CA ASN A 263 -25.85 -5.79 15.28
C ASN A 263 -25.12 -6.31 16.52
N GLU A 264 -25.67 -7.34 17.16
CA GLU A 264 -25.11 -7.88 18.39
C GLU A 264 -24.74 -9.36 18.28
N PHE A 265 -23.60 -9.68 18.87
CA PHE A 265 -23.18 -11.05 19.15
C PHE A 265 -23.97 -11.56 20.36
N ILE A 266 -24.67 -12.68 20.21
CA ILE A 266 -25.37 -13.35 21.30
C ILE A 266 -24.52 -14.51 21.79
N CYS A 267 -24.22 -14.51 23.08
CA CYS A 267 -23.30 -15.50 23.66
C CYS A 267 -24.00 -16.25 24.79
N CYS A 268 -24.22 -17.54 24.57
CA CYS A 268 -24.92 -18.39 25.54
C CYS A 268 -23.88 -19.15 26.37
N LEU A 269 -23.65 -18.71 27.60
CA LEU A 269 -22.77 -19.41 28.51
C LEU A 269 -23.58 -20.38 29.37
N SER A 270 -22.92 -21.00 30.34
CA SER A 270 -23.60 -22.00 31.17
C SER A 270 -24.65 -21.37 32.07
N ASN A 271 -24.38 -20.15 32.58
CA ASN A 271 -25.24 -19.51 33.55
C ASN A 271 -25.88 -18.21 33.08
N PHE A 272 -25.52 -17.71 31.89
CA PHE A 272 -26.13 -16.47 31.43
C PHE A 272 -25.96 -16.35 29.92
N ILE A 273 -26.68 -15.38 29.37
CA ILE A 273 -26.56 -14.98 27.98
C ILE A 273 -26.04 -13.56 27.96
N GLU A 274 -24.97 -13.33 27.21
CA GLU A 274 -24.35 -12.02 27.06
C GLU A 274 -24.58 -11.50 25.65
N PHE A 275 -24.72 -10.18 25.55
CA PHE A 275 -24.89 -9.49 24.26
C PHE A 275 -23.77 -8.48 24.09
N PHE A 276 -23.01 -8.62 23.00
CA PHE A 276 -21.87 -7.76 22.74
C PHE A 276 -22.08 -6.99 21.43
N SER A 277 -21.79 -5.70 21.45
CA SER A 277 -21.77 -4.90 20.23
C SER A 277 -20.34 -4.81 19.71
N SER A 278 -20.20 -4.32 18.47
CA SER A 278 -18.89 -4.12 17.90
C SER A 278 -18.00 -3.22 18.74
N SER A 279 -18.58 -2.36 19.58
CA SER A 279 -17.78 -1.49 20.41
C SER A 279 -17.48 -2.09 21.78
N GLY A 280 -17.84 -3.35 21.99
CA GLY A 280 -17.66 -3.96 23.29
C GLY A 280 -18.80 -3.73 24.26
N LYS A 281 -19.78 -2.91 23.90
CA LYS A 281 -20.93 -2.67 24.77
C LYS A 281 -21.61 -3.99 25.09
N LYS A 282 -22.17 -4.07 26.29
CA LYS A 282 -22.43 -5.36 26.90
C LYS A 282 -23.66 -5.27 27.78
N HIS A 283 -24.57 -6.24 27.62
CA HIS A 283 -25.58 -6.51 28.64
C HIS A 283 -25.82 -8.01 28.67
N GLN A 284 -26.54 -8.47 29.70
CA GLN A 284 -26.65 -9.90 29.95
C GLN A 284 -27.87 -10.14 30.83
N PHE A 285 -28.27 -11.40 30.91
CA PHE A 285 -29.23 -11.81 31.93
C PHE A 285 -29.04 -13.29 32.27
N ALA A 286 -29.41 -13.64 33.49
CA ALA A 286 -29.18 -14.99 34.01
C ALA A 286 -30.13 -15.98 33.37
N PHE A 287 -29.64 -17.19 33.15
CA PHE A 287 -30.47 -18.28 32.64
C PHE A 287 -29.75 -19.59 32.90
N ASP A 288 -30.52 -20.61 33.24
CA ASP A 288 -29.99 -21.96 33.52
C ASP A 288 -29.79 -22.69 32.20
N LEU A 289 -28.57 -22.60 31.67
CA LEU A 289 -28.20 -23.20 30.39
C LEU A 289 -27.18 -24.32 30.53
N SER A 290 -27.25 -25.08 31.64
CA SER A 290 -26.30 -26.16 31.89
C SER A 290 -26.33 -27.21 30.80
N LEU A 291 -27.52 -27.46 30.25
CA LEU A 291 -27.70 -28.51 29.26
C LEU A 291 -27.67 -27.97 27.84
N ARG A 292 -27.19 -26.72 27.67
CA ARG A 292 -27.18 -26.07 26.35
C ARG A 292 -26.47 -26.95 25.33
N LYS A 293 -27.02 -26.97 24.12
CA LYS A 293 -26.33 -27.56 22.98
C LYS A 293 -26.11 -26.57 21.86
N ARG A 294 -26.95 -25.55 21.76
CA ARG A 294 -27.04 -24.81 20.51
C ARG A 294 -28.00 -23.64 20.71
N ILE A 295 -27.70 -22.49 20.07
CA ILE A 295 -28.62 -21.36 20.05
C ILE A 295 -28.75 -20.82 18.62
N PHE A 296 -29.78 -19.99 18.41
CA PHE A 296 -30.09 -19.45 17.10
C PHE A 296 -30.91 -18.18 17.27
N CYS A 297 -30.44 -17.08 16.68
CA CYS A 297 -31.20 -15.83 16.71
C CYS A 297 -32.40 -15.94 15.79
N VAL A 298 -33.61 -15.84 16.36
CA VAL A 298 -34.82 -16.04 15.59
C VAL A 298 -35.26 -14.76 14.89
N ASP A 299 -35.27 -13.65 15.61
CA ASP A 299 -35.56 -12.34 15.06
C ASP A 299 -34.96 -11.31 16.02
N LYS A 300 -35.45 -10.08 15.98
CA LYS A 300 -34.81 -9.02 16.77
C LYS A 300 -34.86 -9.33 18.26
N ASP A 301 -35.96 -9.92 18.73
CA ASP A 301 -36.18 -10.11 20.16
C ASP A 301 -36.00 -11.53 20.66
N HIS A 302 -36.04 -12.54 19.79
CA HIS A 302 -36.23 -13.93 20.18
C HIS A 302 -34.96 -14.74 19.94
N ILE A 303 -34.65 -15.62 20.89
CA ILE A 303 -33.53 -16.55 20.79
C ILE A 303 -34.05 -17.97 20.93
N LEU A 304 -33.71 -18.81 19.97
CA LEU A 304 -34.05 -20.22 20.05
C LEU A 304 -32.91 -20.95 20.74
N ILE A 305 -33.25 -21.74 21.76
CA ILE A 305 -32.25 -22.43 22.57
C ILE A 305 -32.54 -23.93 22.51
N VAL A 306 -31.51 -24.71 22.21
CA VAL A 306 -31.58 -26.17 22.23
C VAL A 306 -30.84 -26.68 23.45
N THR A 307 -31.51 -27.52 24.26
CA THR A 307 -30.92 -28.18 25.41
C THR A 307 -31.07 -29.69 25.26
N GLU A 308 -30.25 -30.41 26.00
CA GLU A 308 -30.30 -31.86 26.03
C GLU A 308 -31.10 -32.31 27.25
N GLU A 309 -31.90 -33.36 27.08
CA GLU A 309 -32.74 -33.91 28.14
C GLU A 309 -32.72 -35.43 28.08
N THR A 310 -32.95 -36.05 29.24
CA THR A 310 -33.18 -37.50 29.28
C THR A 310 -34.56 -37.86 28.73
N ILE A 326 -31.81 -39.90 25.39
CA ILE A 326 -31.41 -38.50 25.26
C ILE A 326 -32.16 -37.77 24.13
N ILE A 327 -33.02 -36.83 24.51
CA ILE A 327 -33.80 -36.05 23.57
C ILE A 327 -33.34 -34.60 23.63
N ASN A 328 -33.86 -33.78 22.70
CA ASN A 328 -33.58 -32.36 22.62
C ASN A 328 -34.83 -31.54 22.94
N ARG A 329 -34.71 -30.61 23.87
CA ARG A 329 -35.76 -29.65 24.15
C ARG A 329 -35.46 -28.33 23.44
N ILE A 330 -36.48 -27.75 22.82
CA ILE A 330 -36.37 -26.52 22.04
C ILE A 330 -37.18 -25.43 22.74
N PHE A 331 -36.51 -24.40 23.27
CA PHE A 331 -37.16 -23.18 23.78
C PHE A 331 -37.00 -22.03 22.80
N ILE A 332 -37.98 -21.13 22.82
CA ILE A 332 -37.76 -19.78 22.31
C ILE A 332 -37.95 -18.79 23.45
N ILE A 333 -36.91 -18.01 23.72
CA ILE A 333 -36.91 -16.96 24.73
CA ILE A 333 -37.02 -16.98 24.73
C ILE A 333 -37.22 -15.63 24.06
N ASP A 334 -38.12 -14.86 24.66
CA ASP A 334 -38.35 -13.47 24.27
C ASP A 334 -37.40 -12.67 25.14
N ALA A 335 -36.22 -12.34 24.61
CA ALA A 335 -35.26 -11.61 25.43
C ALA A 335 -35.76 -10.22 25.79
N LYS A 336 -36.75 -9.70 25.06
CA LYS A 336 -37.29 -8.38 25.37
C LYS A 336 -38.24 -8.43 26.57
N ASN A 337 -39.21 -9.33 26.54
CA ASN A 337 -40.22 -9.40 27.61
C ASN A 337 -39.87 -10.41 28.68
N LYS A 338 -38.77 -11.15 28.52
CA LYS A 338 -38.34 -12.14 29.50
C LYS A 338 -39.41 -13.21 29.75
N ILE A 339 -39.91 -13.80 28.66
CA ILE A 339 -40.83 -14.91 28.71
C ILE A 339 -40.32 -16.00 27.79
N ILE A 340 -40.83 -17.22 28.01
CA ILE A 340 -40.64 -18.35 27.10
C ILE A 340 -41.81 -18.35 26.13
N SER A 341 -41.51 -18.28 24.83
CA SER A 341 -42.55 -18.15 23.82
C SER A 341 -42.88 -19.46 23.12
N LEU A 342 -42.13 -20.52 23.41
CA LEU A 342 -42.35 -21.84 22.84
C LEU A 342 -41.44 -22.83 23.57
N ASN A 343 -41.91 -24.07 23.67
CA ASN A 343 -41.24 -25.11 24.45
C ASN A 343 -41.76 -26.46 23.97
N PHE A 344 -40.94 -27.20 23.22
CA PHE A 344 -41.29 -28.54 22.77
C PHE A 344 -40.02 -29.37 22.68
N VAL A 345 -40.20 -30.68 22.46
CA VAL A 345 -39.07 -31.61 22.39
C VAL A 345 -39.09 -32.29 21.04
N VAL A 346 -37.90 -32.66 20.57
CA VAL A 346 -37.71 -33.49 19.38
C VAL A 346 -36.87 -34.69 19.76
N SER A 347 -37.18 -35.83 19.16
CA SER A 347 -36.61 -37.12 19.52
C SER A 347 -35.40 -37.48 18.66
N SER A 348 -34.64 -36.50 18.19
CA SER A 348 -33.64 -36.75 17.15
C SER A 348 -32.64 -35.60 17.15
N ALA A 349 -31.39 -35.91 16.78
CA ALA A 349 -30.36 -34.87 16.70
C ALA A 349 -30.69 -33.84 15.63
N ILE A 350 -30.29 -32.60 15.88
CA ILE A 350 -30.50 -31.51 14.94
C ILE A 350 -29.33 -31.41 13.96
N ILE A 351 -29.61 -31.49 12.67
CA ILE A 351 -28.55 -31.31 11.70
C ILE A 351 -28.20 -29.84 11.56
N ASP A 352 -29.20 -28.97 11.46
CA ASP A 352 -28.93 -27.55 11.24
C ASP A 352 -30.20 -26.76 11.53
N ILE A 353 -30.01 -25.46 11.70
CA ILE A 353 -31.10 -24.52 11.93
C ILE A 353 -30.89 -23.35 10.99
N PHE A 354 -31.93 -23.00 10.23
CA PHE A 354 -31.87 -21.88 9.31
C PHE A 354 -33.24 -21.19 9.27
N SER A 355 -33.30 -20.10 8.50
CA SER A 355 -34.39 -19.14 8.57
C SER A 355 -34.75 -18.63 7.19
N THR A 356 -36.01 -18.25 7.01
CA THR A 356 -36.46 -17.48 5.85
C THR A 356 -37.24 -16.26 6.33
N SER A 357 -37.30 -15.26 5.47
CA SER A 357 -38.08 -14.06 5.77
C SER A 357 -38.97 -13.59 4.61
N GLN A 358 -39.02 -14.32 3.49
CA GLN A 358 -39.73 -13.80 2.32
C GLN A 358 -41.25 -13.89 2.43
N SER A 359 -41.80 -14.58 3.43
CA SER A 359 -43.24 -14.77 3.48
C SER A 359 -43.96 -13.78 4.40
N GLY A 360 -43.33 -12.66 4.73
CA GLY A 360 -43.92 -11.70 5.65
C GLY A 360 -43.55 -11.88 7.10
N LYS A 361 -42.78 -12.92 7.43
CA LYS A 361 -42.32 -13.13 8.79
C LYS A 361 -41.11 -14.06 8.73
N ASN A 362 -40.32 -14.04 9.81
CA ASN A 362 -39.23 -14.98 9.95
C ASN A 362 -39.80 -16.35 10.32
N ILE A 363 -39.50 -17.34 9.49
CA ILE A 363 -39.79 -18.73 9.81
C ILE A 363 -38.48 -19.42 10.18
N THR A 364 -38.48 -20.17 11.28
CA THR A 364 -37.29 -20.87 11.72
C THR A 364 -37.45 -22.36 11.42
N TYR A 365 -36.45 -22.95 10.75
CA TYR A 365 -36.49 -24.37 10.37
C TYR A 365 -35.46 -25.15 11.17
N LEU A 366 -35.91 -26.26 11.76
CA LEU A 366 -35.04 -27.21 12.49
C LEU A 366 -35.02 -28.50 11.69
N LEU A 367 -33.89 -28.80 11.08
CA LEU A 367 -33.73 -30.02 10.32
C LEU A 367 -33.21 -31.09 11.26
N THR A 368 -33.92 -32.19 11.34
CA THR A 368 -33.62 -33.27 12.25
C THR A 368 -32.91 -34.37 11.49
N SER A 369 -32.21 -35.25 12.21
CA SER A 369 -31.40 -36.23 11.50
C SER A 369 -32.21 -37.44 11.02
N GLU A 370 -33.50 -37.52 11.32
CA GLU A 370 -34.37 -38.57 10.80
C GLU A 370 -35.33 -38.03 9.74
N GLY A 371 -35.02 -36.88 9.16
CA GLY A 371 -35.79 -36.37 8.06
C GLY A 371 -37.06 -35.63 8.41
N VAL A 372 -37.19 -35.16 9.65
CA VAL A 372 -38.27 -34.25 10.01
C VAL A 372 -37.71 -32.84 9.97
N MET A 373 -38.40 -31.95 9.27
CA MET A 373 -38.11 -30.53 9.35
C MET A 373 -39.24 -29.89 10.14
N HIS A 374 -38.88 -29.28 11.27
CA HIS A 374 -39.82 -28.49 12.05
C HIS A 374 -39.82 -27.06 11.54
N ARG A 375 -41.02 -26.54 11.30
CA ARG A 375 -41.21 -25.19 10.80
C ARG A 375 -41.86 -24.37 11.92
N ILE A 376 -41.15 -23.36 12.41
CA ILE A 376 -41.58 -22.58 13.56
C ILE A 376 -41.95 -21.17 13.11
N THR A 377 -43.20 -20.77 13.35
CA THR A 377 -43.77 -19.52 12.87
C THR A 377 -44.43 -18.79 14.02
N PRO A 378 -44.22 -17.47 14.16
CA PRO A 378 -45.02 -16.71 15.13
C PRO A 378 -46.48 -16.70 14.72
N LYS A 379 -47.37 -16.68 15.71
CA LYS A 379 -48.80 -16.49 15.46
C LYS A 379 -49.16 -15.02 15.59
N TRP B 35 36.65 -11.52 19.49
CA TRP B 35 35.39 -11.05 20.10
C TRP B 35 35.28 -11.48 21.56
N ARG B 36 34.58 -10.67 22.37
CA ARG B 36 34.43 -10.91 23.79
C ARG B 36 33.00 -10.60 24.21
N GLN B 37 32.52 -11.31 25.23
CA GLN B 37 31.20 -11.06 25.80
C GLN B 37 31.35 -10.59 27.26
N PHE B 38 30.78 -9.43 27.56
CA PHE B 38 30.92 -8.79 28.86
C PHE B 38 29.71 -7.88 29.02
N GLN B 39 28.85 -8.14 30.01
CA GLN B 39 27.59 -7.39 30.07
C GLN B 39 27.85 -5.96 30.55
N LEU B 40 27.54 -4.98 29.70
CA LEU B 40 27.79 -3.57 30.01
C LEU B 40 26.50 -2.78 30.01
N PHE B 41 25.38 -3.48 30.02
CA PHE B 41 24.05 -2.92 30.07
C PHE B 41 23.28 -3.63 31.17
N GLU B 42 22.36 -2.90 31.78
CA GLU B 42 21.41 -3.47 32.73
C GLU B 42 20.13 -3.76 31.96
N ASN B 43 19.58 -4.95 32.13
CA ASN B 43 18.38 -5.37 31.40
C ASN B 43 17.32 -5.67 32.44
N ILE B 44 16.36 -4.76 32.60
CA ILE B 44 15.35 -4.85 33.64
C ILE B 44 14.02 -5.26 33.00
N PRO B 45 13.59 -6.51 33.16
CA PRO B 45 12.26 -6.91 32.64
C PRO B 45 11.18 -6.45 33.60
N ILE B 46 10.29 -5.59 33.10
CA ILE B 46 9.26 -4.97 33.92
C ILE B 46 7.93 -5.41 33.37
N ARG B 47 7.25 -6.28 34.11
CA ARG B 47 5.91 -6.68 33.72
C ARG B 47 4.96 -5.54 34.02
N ASP B 48 4.03 -5.28 33.09
CA ASP B 48 2.91 -4.35 33.26
C ASP B 48 2.38 -4.44 34.68
N PRO B 49 2.51 -3.37 35.47
CA PRO B 49 2.09 -3.44 36.88
C PRO B 49 0.61 -3.72 37.06
N ASN B 50 -0.21 -3.42 36.07
CA ASN B 50 -1.65 -3.66 36.13
C ASN B 50 -2.04 -5.03 35.60
N PHE B 51 -1.08 -5.93 35.44
CA PHE B 51 -1.32 -7.25 34.86
C PHE B 51 -2.42 -7.97 35.63
N GLY B 52 -3.26 -8.68 34.90
CA GLY B 52 -4.35 -9.43 35.48
C GLY B 52 -5.55 -8.63 35.89
N GLY B 53 -5.50 -7.30 35.80
CA GLY B 53 -6.61 -6.46 36.16
C GLY B 53 -7.47 -6.08 34.97
N ASP B 54 -8.24 -5.01 35.14
CA ASP B 54 -9.11 -4.51 34.09
C ASP B 54 -8.69 -3.14 33.58
N SER B 55 -7.63 -2.57 34.16
CA SER B 55 -7.02 -1.38 33.57
C SER B 55 -5.64 -1.75 33.06
N LEU B 56 -5.58 -2.67 32.09
CA LEU B 56 -4.30 -3.11 31.57
C LEU B 56 -3.57 -1.97 30.87
N LEU B 57 -2.24 -2.01 30.96
CA LEU B 57 -1.40 -1.02 30.29
C LEU B 57 -0.76 -1.66 29.06
N TYR B 58 0.57 -1.79 29.05
CA TYR B 58 1.25 -2.28 27.86
C TYR B 58 1.19 -3.80 27.74
N SER B 59 0.59 -4.50 28.69
CA SER B 59 0.25 -5.91 28.49
C SER B 59 -1.11 -6.11 27.83
N ASP B 60 -1.80 -5.05 27.45
CA ASP B 60 -3.11 -5.16 26.81
C ASP B 60 -2.99 -6.08 25.60
N PRO B 61 -3.72 -7.20 25.57
CA PRO B 61 -3.56 -8.15 24.46
C PRO B 61 -4.02 -7.61 23.12
N THR B 62 -4.70 -6.47 23.07
CA THR B 62 -5.05 -5.85 21.80
C THR B 62 -4.06 -4.77 21.39
N LEU B 63 -3.02 -4.50 22.19
CA LEU B 63 -2.04 -3.47 21.83
C LEU B 63 -1.48 -3.74 20.43
N CYS B 64 -1.54 -2.72 19.58
CA CYS B 64 -1.00 -2.80 18.23
C CYS B 64 0.14 -1.83 17.95
N ALA B 65 0.50 -0.95 18.89
CA ALA B 65 1.57 0.01 18.63
C ALA B 65 1.93 0.71 19.94
N ALA B 66 3.18 1.14 20.03
CA ALA B 66 3.63 1.82 21.24
C ALA B 66 4.85 2.67 20.92
N THR B 67 4.95 3.81 21.61
CA THR B 67 6.08 4.70 21.49
C THR B 67 6.28 5.41 22.83
N ILE B 68 7.41 6.08 22.98
CA ILE B 68 7.77 6.65 24.26
C ILE B 68 8.06 8.14 24.13
N VAL B 69 7.61 8.93 25.09
CA VAL B 69 7.88 10.36 25.12
C VAL B 69 9.13 10.66 25.95
N ASP B 70 9.17 10.09 27.15
CA ASP B 70 10.23 10.31 28.12
C ASP B 70 10.23 9.10 29.04
N PRO B 71 11.23 8.98 29.92
CA PRO B 71 11.34 7.73 30.70
C PRO B 71 10.10 7.41 31.53
N GLN B 72 9.21 8.38 31.75
CA GLN B 72 8.04 8.19 32.59
C GLN B 72 6.74 8.11 31.82
N THR B 73 6.77 8.19 30.48
CA THR B 73 5.54 8.40 29.72
C THR B 73 5.56 7.55 28.48
N LEU B 74 4.60 6.63 28.40
CA LEU B 74 4.43 5.72 27.28
C LEU B 74 3.09 6.02 26.61
N ILE B 75 3.09 6.11 25.28
CA ILE B 75 1.84 6.19 24.51
C ILE B 75 1.64 4.87 23.80
N ILE B 76 0.44 4.30 23.94
CA ILE B 76 0.14 3.00 23.34
C ILE B 76 -1.14 3.13 22.53
N ALA B 77 -1.34 2.19 21.61
CA ALA B 77 -2.53 2.09 20.80
C ALA B 77 -3.18 0.74 21.05
N VAL B 78 -4.45 0.73 21.41
CA VAL B 78 -5.18 -0.48 21.74
C VAL B 78 -6.56 -0.41 21.09
N ASN B 79 -7.24 -1.55 21.06
CA ASN B 79 -8.60 -1.64 20.52
C ASN B 79 -8.68 -1.01 19.13
N SER B 80 -7.71 -1.35 18.27
CA SER B 80 -7.60 -0.89 16.88
C SER B 80 -7.20 0.58 16.76
N ASN B 81 -7.93 1.49 17.41
CA ASN B 81 -7.70 2.91 17.16
C ASN B 81 -7.85 3.80 18.41
N ILE B 82 -7.68 3.24 19.60
CA ILE B 82 -7.72 4.03 20.84
CA ILE B 82 -7.72 4.02 20.84
C ILE B 82 -6.28 4.32 21.25
N ILE B 83 -5.96 5.61 21.44
CA ILE B 83 -4.65 6.05 21.89
C ILE B 83 -4.73 6.35 23.38
N LYS B 84 -3.73 5.89 24.13
CA LYS B 84 -3.68 6.08 25.57
C LYS B 84 -2.30 6.59 25.99
N VAL B 85 -2.29 7.62 26.82
CA VAL B 85 -1.06 8.14 27.41
C VAL B 85 -0.91 7.50 28.78
N VAL B 86 0.19 6.79 28.97
CA VAL B 86 0.43 6.01 30.17
C VAL B 86 1.57 6.66 30.95
N LYS B 87 1.29 7.05 32.18
CA LYS B 87 2.35 7.52 33.07
C LYS B 87 2.88 6.31 33.83
N LEU B 88 4.03 5.79 33.39
CA LEU B 88 4.59 4.55 33.91
C LEU B 88 4.83 4.60 35.41
N ASN B 89 5.27 5.76 35.92
CA ASN B 89 5.57 5.89 37.35
C ASN B 89 4.33 5.89 38.22
N GLN B 90 3.14 6.13 37.64
CA GLN B 90 1.89 6.09 38.38
C GLN B 90 1.03 4.89 38.01
N SER B 91 1.50 4.05 37.08
CA SER B 91 0.74 2.90 36.57
C SER B 91 -0.69 3.28 36.22
N GLN B 92 -0.85 4.41 35.54
CA GLN B 92 -2.16 4.95 35.23
C GLN B 92 -2.24 5.44 33.79
N VAL B 93 -3.41 5.28 33.18
CA VAL B 93 -3.76 6.01 31.97
C VAL B 93 -4.24 7.40 32.39
N ILE B 94 -3.59 8.44 31.87
CA ILE B 94 -3.98 9.81 32.19
C ILE B 94 -4.72 10.51 31.05
N HIS B 95 -4.71 9.95 29.84
CA HIS B 95 -5.53 10.47 28.75
C HIS B 95 -5.74 9.36 27.73
N GLU B 96 -6.93 9.33 27.14
CA GLU B 96 -7.22 8.37 26.09
C GLU B 96 -8.28 8.93 25.15
N PHE B 97 -8.22 8.53 23.89
CA PHE B 97 -9.21 8.99 22.92
C PHE B 97 -9.18 8.11 21.69
N GLN B 98 -10.33 8.01 21.03
CA GLN B 98 -10.38 7.38 19.72
C GLN B 98 -9.79 8.33 18.69
N SER B 99 -8.80 7.87 17.94
CA SER B 99 -8.02 8.72 17.06
CA SER B 99 -8.02 8.72 17.06
C SER B 99 -8.38 8.58 15.60
N PHE B 100 -9.15 7.57 15.22
CA PHE B 100 -9.48 7.32 13.82
C PHE B 100 -10.89 6.76 13.77
N PRO B 101 -11.55 6.79 12.61
CA PRO B 101 -12.89 6.21 12.49
C PRO B 101 -12.88 4.72 12.80
N HIS B 102 -14.09 4.19 13.02
CA HIS B 102 -14.25 2.89 13.69
C HIS B 102 -13.58 1.74 12.94
N ASP B 103 -13.49 1.81 11.61
CA ASP B 103 -13.01 0.70 10.80
C ASP B 103 -11.52 0.82 10.45
N PHE B 104 -10.76 1.58 11.23
CA PHE B 104 -9.35 1.82 10.97
C PHE B 104 -8.52 1.20 12.07
N GLN B 105 -7.34 0.71 11.73
CA GLN B 105 -6.41 0.23 12.75
C GLN B 105 -5.09 0.95 12.67
N ILE B 106 -4.65 1.46 13.83
CA ILE B 106 -3.34 2.08 13.96
C ILE B 106 -2.26 1.05 13.68
N THR B 107 -1.35 1.38 12.79
CA THR B 107 -0.21 0.51 12.55
C THR B 107 1.12 1.12 12.96
N PHE B 108 1.16 2.42 13.26
CA PHE B 108 2.41 3.10 13.60
C PHE B 108 2.12 4.25 14.54
N LEU B 109 3.01 4.45 15.50
CA LEU B 109 2.99 5.61 16.41
C LEU B 109 4.41 6.11 16.56
N LYS B 110 4.61 7.41 16.38
CA LYS B 110 5.93 8.00 16.50
C LYS B 110 5.81 9.33 17.22
N VAL B 111 6.79 9.61 18.07
CA VAL B 111 6.92 10.87 18.77
C VAL B 111 8.01 11.67 18.08
N ILE B 112 7.73 12.92 17.77
CA ILE B 112 8.59 13.71 16.92
C ILE B 112 9.04 14.96 17.68
N ASN B 113 10.34 15.04 17.93
CA ASN B 113 10.93 16.23 18.55
C ASN B 113 10.35 16.49 19.94
N GLY B 114 9.92 15.42 20.62
CA GLY B 114 9.28 15.52 21.91
C GLY B 114 8.11 16.47 21.94
N GLU B 115 7.47 16.68 20.80
CA GLU B 115 6.47 17.74 20.66
C GLU B 115 5.22 17.24 19.97
N PHE B 116 5.37 16.33 19.00
CA PHE B 116 4.25 15.86 18.21
C PHE B 116 4.10 14.36 18.35
N LEU B 117 2.85 13.93 18.44
CA LEU B 117 2.48 12.53 18.30
C LEU B 117 1.97 12.32 16.87
N VAL B 118 2.52 11.34 16.18
CA VAL B 118 2.11 11.02 14.82
C VAL B 118 1.62 9.58 14.80
N ALA B 119 0.39 9.38 14.35
CA ALA B 119 -0.22 8.07 14.19
C ALA B 119 -0.53 7.79 12.73
N LEU B 120 -0.26 6.55 12.28
CA LEU B 120 -0.69 6.06 10.98
C LEU B 120 -1.68 4.93 11.18
N ALA B 121 -2.78 4.97 10.43
CA ALA B 121 -3.81 3.96 10.54
C ALA B 121 -4.32 3.60 9.14
N GLU B 122 -4.79 2.36 9.00
CA GLU B 122 -5.15 1.77 7.72
C GLU B 122 -6.51 1.09 7.80
N SER B 123 -7.22 1.12 6.68
CA SER B 123 -8.45 0.34 6.48
C SER B 123 -8.49 -0.15 5.04
N ILE B 124 -8.74 -1.44 4.86
CA ILE B 124 -8.64 -2.06 3.53
C ILE B 124 -9.64 -1.40 2.58
N GLY B 125 -9.18 -1.09 1.37
CA GLY B 125 -10.00 -0.43 0.37
C GLY B 125 -10.14 1.08 0.52
N LYS B 126 -9.59 1.66 1.59
CA LYS B 126 -9.68 3.08 1.87
C LYS B 126 -8.28 3.68 1.93
N PRO B 127 -8.13 4.96 1.60
CA PRO B 127 -6.81 5.59 1.72
C PRO B 127 -6.35 5.63 3.18
N SER B 128 -5.07 5.32 3.38
CA SER B 128 -4.49 5.36 4.70
C SER B 128 -4.42 6.80 5.21
N LEU B 129 -4.22 6.94 6.52
CA LEU B 129 -4.32 8.22 7.19
C LEU B 129 -3.14 8.41 8.15
N ILE B 130 -2.49 9.55 8.03
CA ILE B 130 -1.55 10.04 9.03
C ILE B 130 -2.25 11.15 9.80
N ARG B 131 -2.24 11.06 11.12
CA ARG B 131 -2.75 12.15 11.95
C ARG B 131 -1.66 12.62 12.92
N VAL B 132 -1.55 13.93 13.05
CA VAL B 132 -0.57 14.60 13.89
C VAL B 132 -1.30 15.29 15.03
N TYR B 133 -0.72 15.22 16.22
CA TYR B 133 -1.28 15.86 17.41
C TYR B 133 -0.17 16.57 18.17
N LYS B 134 -0.51 17.66 18.84
CA LYS B 134 0.40 18.28 19.80
C LYS B 134 0.30 17.54 21.13
N LEU B 135 1.44 17.09 21.65
CA LEU B 135 1.45 16.29 22.88
C LEU B 135 0.77 17.02 24.03
N GLU B 136 1.07 18.30 24.20
CA GLU B 136 0.52 19.02 25.33
C GLU B 136 -0.95 19.34 25.17
N LYS B 137 -1.56 19.05 24.01
CA LYS B 137 -2.97 19.32 23.80
C LYS B 137 -3.56 18.18 22.97
N LEU B 138 -3.71 17.01 23.61
CA LEU B 138 -4.30 15.89 22.88
C LEU B 138 -5.82 16.00 22.90
N PRO B 139 -6.48 15.71 21.79
CA PRO B 139 -7.93 15.86 21.72
C PRO B 139 -8.67 14.71 22.40
N ASN B 140 -9.99 14.86 22.48
CA ASN B 140 -10.82 13.85 23.14
C ASN B 140 -11.74 13.13 22.19
N ARG B 141 -11.60 13.32 20.87
CA ARG B 141 -12.48 12.65 19.93
C ARG B 141 -11.82 12.56 18.57
N GLU B 142 -12.40 11.70 17.73
CA GLU B 142 -11.72 11.19 16.54
C GLU B 142 -11.56 12.25 15.46
N GLN B 143 -12.49 13.20 15.37
CA GLN B 143 -12.47 14.21 14.31
C GLN B 143 -11.56 15.40 14.61
N LEU B 144 -11.01 15.51 15.82
CA LEU B 144 -10.10 16.60 16.17
C LEU B 144 -8.65 16.10 16.03
N TYR B 145 -7.87 16.79 15.20
CA TYR B 145 -6.44 16.54 15.09
C TYR B 145 -5.74 17.83 14.67
N HIS B 146 -4.42 17.82 14.80
CA HIS B 146 -3.63 18.99 14.44
C HIS B 146 -3.40 19.08 12.94
N SER B 147 -3.14 17.94 12.29
CA SER B 147 -2.98 17.87 10.85
C SER B 147 -3.27 16.44 10.40
N GLN B 148 -3.65 16.29 9.12
CA GLN B 148 -3.93 15.00 8.52
C GLN B 148 -3.33 14.91 7.13
N VAL B 149 -2.79 13.73 6.80
CA VAL B 149 -2.29 13.40 5.47
C VAL B 149 -3.02 12.14 5.01
N GLU B 150 -3.57 12.19 3.80
CA GLU B 150 -4.28 11.07 3.21
C GLU B 150 -3.37 10.41 2.18
N LEU B 151 -3.14 9.11 2.32
CA LEU B 151 -2.22 8.36 1.49
C LEU B 151 -3.01 7.42 0.59
N LYS B 152 -2.95 7.63 -0.71
CA LYS B 152 -3.61 6.76 -1.67
C LYS B 152 -2.58 5.89 -2.36
N ASN B 153 -2.94 4.63 -2.62
CA ASN B 153 -2.03 3.67 -3.23
C ASN B 153 -2.89 2.63 -3.95
N GLY B 154 -3.19 2.90 -5.23
CA GLY B 154 -3.99 1.98 -6.01
C GLY B 154 -5.34 1.71 -5.35
N ASN B 155 -5.71 0.43 -5.30
CA ASN B 155 -6.96 0.02 -4.62
C ASN B 155 -6.82 0.02 -3.10
N ASN B 156 -5.68 0.50 -2.58
CA ASN B 156 -5.50 0.70 -1.14
C ASN B 156 -5.63 -0.62 -0.38
N THR B 157 -5.11 -1.70 -0.96
CA THR B 157 -5.11 -3.01 -0.31
C THR B 157 -3.72 -3.43 0.14
N TYR B 158 -2.72 -2.57 0.00
CA TYR B 158 -1.35 -2.90 0.34
C TYR B 158 -0.98 -2.20 1.62
N PRO B 159 -0.62 -2.94 2.66
CA PRO B 159 -0.29 -2.30 3.93
C PRO B 159 0.94 -1.43 3.82
N ILE B 160 1.02 -0.42 4.70
CA ILE B 160 2.26 0.31 4.92
C ILE B 160 3.27 -0.62 5.57
N SER B 161 4.52 -0.55 5.12
CA SER B 161 5.59 -1.35 5.69
C SER B 161 6.57 -0.54 6.53
N VAL B 162 6.91 0.69 6.12
CA VAL B 162 7.92 1.50 6.80
C VAL B 162 7.56 2.98 6.68
N VAL B 163 8.07 3.77 7.61
CA VAL B 163 7.79 5.21 7.71
C VAL B 163 9.04 5.91 8.24
N SER B 164 9.34 7.08 7.70
CA SER B 164 10.40 7.91 8.27
C SER B 164 9.93 9.36 8.24
N ILE B 165 10.13 10.07 9.35
CA ILE B 165 9.63 11.42 9.56
C ILE B 165 10.78 12.29 10.06
N SER B 166 10.97 13.44 9.42
CA SER B 166 12.02 14.36 9.84
C SER B 166 11.66 15.04 11.16
N ASN B 167 12.70 15.47 11.88
CA ASN B 167 12.54 16.08 13.20
C ASN B 167 11.58 17.27 13.19
N ASP B 168 11.51 18.01 12.09
CA ASP B 168 10.66 19.18 12.00
C ASP B 168 9.31 18.89 11.34
N LEU B 169 9.06 17.62 11.01
CA LEU B 169 7.79 17.14 10.46
C LEU B 169 7.51 17.68 9.06
N SER B 170 8.51 18.22 8.37
CA SER B 170 8.26 18.78 7.06
C SER B 170 8.50 17.80 5.94
N CYS B 171 9.01 16.61 6.25
CA CYS B 171 9.31 15.62 5.24
C CYS B 171 8.96 14.24 5.80
N ILE B 172 8.07 13.53 5.10
CA ILE B 172 7.60 12.21 5.50
C ILE B 172 7.72 11.28 4.30
N VAL B 173 8.33 10.11 4.52
CA VAL B 173 8.41 9.07 3.50
C VAL B 173 7.70 7.83 4.02
N VAL B 174 6.87 7.23 3.17
CA VAL B 174 6.10 6.04 3.52
C VAL B 174 6.35 4.98 2.44
N GLY B 175 6.71 3.77 2.88
CA GLY B 175 6.86 2.66 1.95
C GLY B 175 5.77 1.63 2.14
N PHE B 176 5.45 0.86 1.09
CA PHE B 176 4.36 -0.11 1.12
C PHE B 176 4.86 -1.50 0.70
N ILE B 177 4.02 -2.51 1.03
CA ILE B 177 4.26 -3.91 0.68
C ILE B 177 4.38 -4.11 -0.84
N ASN B 178 3.76 -3.24 -1.65
CA ASN B 178 3.85 -3.43 -3.09
C ASN B 178 4.97 -2.62 -3.76
N GLY B 179 5.93 -2.11 -3.00
CA GLY B 179 7.08 -1.47 -3.61
C GLY B 179 6.98 0.01 -3.89
N LYS B 180 5.92 0.66 -3.43
CA LYS B 180 5.76 2.09 -3.64
C LYS B 180 6.32 2.87 -2.46
N ILE B 181 6.97 3.99 -2.76
CA ILE B 181 7.41 4.96 -1.77
C ILE B 181 6.73 6.29 -2.09
N ILE B 182 6.11 6.89 -1.08
CA ILE B 182 5.48 8.20 -1.20
C ILE B 182 6.26 9.21 -0.37
N LEU B 183 6.60 10.32 -1.01
CA LEU B 183 7.24 11.46 -0.36
C LEU B 183 6.19 12.53 -0.12
N ILE B 184 6.07 12.99 1.13
CA ILE B 184 5.21 14.10 1.51
C ILE B 184 6.08 15.20 2.09
N ARG B 185 5.91 16.43 1.58
CA ARG B 185 6.66 17.59 2.03
C ARG B 185 5.73 18.77 2.19
N GLY B 186 5.88 19.50 3.30
CA GLY B 186 5.08 20.68 3.55
C GLY B 186 5.31 21.16 4.97
N ASP B 187 4.59 22.22 5.33
CA ASP B 187 4.68 22.79 6.67
C ASP B 187 3.63 22.14 7.58
N ILE B 188 3.86 20.84 7.83
CA ILE B 188 2.84 20.04 8.51
C ILE B 188 2.71 20.45 9.98
N SER B 189 3.82 20.81 10.63
CA SER B 189 3.75 21.23 12.03
C SER B 189 2.90 22.49 12.23
N ARG B 190 2.55 23.21 11.18
CA ARG B 190 1.60 24.31 11.28
C ARG B 190 0.36 24.10 10.43
N ASP B 191 0.17 22.89 9.90
CA ASP B 191 -1.07 22.48 9.22
C ASP B 191 -1.34 23.33 7.97
N ARG B 192 -0.29 23.82 7.32
CA ARG B 192 -0.44 24.73 6.20
C ARG B 192 -0.54 24.02 4.85
N GLY B 193 -0.62 22.71 4.83
CA GLY B 193 -0.75 21.96 3.60
C GLY B 193 0.47 21.10 3.32
N SER B 194 0.27 20.09 2.46
CA SER B 194 1.34 19.20 2.08
C SER B 194 1.21 18.85 0.60
N GLN B 195 2.35 18.54 -0.03
CA GLN B 195 2.42 18.00 -1.37
C GLN B 195 2.96 16.58 -1.33
N GLN B 196 2.37 15.68 -2.09
CA GLN B 196 2.86 14.30 -2.15
C GLN B 196 3.28 13.95 -3.57
N ARG B 197 4.30 13.09 -3.67
CA ARG B 197 4.61 12.49 -4.96
C ARG B 197 5.18 11.11 -4.75
N ILE B 198 4.91 10.25 -5.72
CA ILE B 198 5.45 8.89 -5.73
C ILE B 198 6.88 8.98 -6.22
N ILE B 199 7.85 8.61 -5.37
CA ILE B 199 9.24 8.70 -5.81
C ILE B 199 9.82 7.35 -6.17
N TYR B 200 9.09 6.26 -5.94
CA TYR B 200 9.59 4.96 -6.34
C TYR B 200 8.44 3.99 -6.47
N GLU B 201 8.45 3.19 -7.53
CA GLU B 201 7.57 2.03 -7.67
C GLU B 201 8.46 0.86 -8.08
N ASP B 202 8.75 -0.01 -7.13
CA ASP B 202 9.64 -1.14 -7.38
C ASP B 202 9.09 -1.98 -8.52
N PRO B 203 9.86 -2.20 -9.58
CA PRO B 203 9.34 -2.96 -10.72
C PRO B 203 8.90 -4.38 -10.36
N SER B 204 9.65 -5.07 -9.50
CA SER B 204 9.25 -6.39 -9.06
C SER B 204 8.11 -6.38 -8.06
N LYS B 205 7.65 -5.20 -7.64
CA LYS B 205 6.60 -5.05 -6.63
C LYS B 205 6.98 -5.71 -5.31
N GLU B 206 8.28 -5.76 -5.01
CA GLU B 206 8.75 -6.25 -3.74
C GLU B 206 8.48 -5.22 -2.65
N PRO B 207 8.37 -5.66 -1.39
CA PRO B 207 8.08 -4.72 -0.30
C PRO B 207 9.24 -3.78 -0.03
N ILE B 208 8.91 -2.56 0.39
CA ILE B 208 9.91 -1.68 0.99
C ILE B 208 10.16 -2.16 2.41
N THR B 209 11.39 -2.54 2.71
CA THR B 209 11.74 -3.11 3.99
C THR B 209 12.56 -2.16 4.86
N ALA B 210 13.01 -1.04 4.33
CA ALA B 210 13.72 -0.08 5.14
C ALA B 210 13.49 1.29 4.54
N LEU B 211 13.41 2.29 5.42
CA LEU B 211 13.18 3.65 4.99
C LEU B 211 13.69 4.53 6.12
N PHE B 212 14.77 5.29 5.87
CA PHE B 212 15.33 6.18 6.88
C PHE B 212 15.85 7.46 6.21
N LEU B 213 15.27 8.59 6.58
CA LEU B 213 15.84 9.88 6.23
C LEU B 213 17.21 10.07 6.87
N ASN B 214 18.10 10.76 6.17
CA ASN B 214 19.35 11.17 6.80
C ASN B 214 19.08 12.41 7.66
N ASN B 215 20.13 12.97 8.24
CA ASN B 215 19.97 13.91 9.35
C ASN B 215 19.28 15.20 8.91
N ASP B 216 19.67 15.77 7.76
CA ASP B 216 19.00 16.96 7.26
C ASP B 216 17.89 16.65 6.26
N ALA B 217 17.44 15.39 6.23
CA ALA B 217 16.31 14.96 5.41
C ALA B 217 16.44 15.37 3.93
N THR B 218 17.68 15.46 3.42
CA THR B 218 17.89 15.65 1.99
C THR B 218 17.96 14.32 1.24
N ALA B 219 18.11 13.23 1.96
CA ALA B 219 18.21 11.91 1.35
C ALA B 219 17.39 10.95 2.17
N CYS B 220 16.99 9.85 1.54
CA CYS B 220 16.30 8.81 2.28
CA CYS B 220 16.28 8.80 2.25
C CYS B 220 16.86 7.46 1.84
N PHE B 221 17.36 6.70 2.83
CA PHE B 221 17.84 5.35 2.60
C PHE B 221 16.65 4.40 2.49
N ALA B 222 16.76 3.44 1.58
CA ALA B 222 15.63 2.52 1.38
C ALA B 222 16.17 1.16 0.99
N ALA B 223 15.35 0.14 1.23
CA ALA B 223 15.67 -1.20 0.74
C ALA B 223 14.38 -1.90 0.40
N THR B 224 14.49 -2.82 -0.54
CA THR B 224 13.54 -3.90 -0.75
C THR B 224 14.22 -5.19 -0.33
N THR B 225 13.51 -6.30 -0.50
CA THR B 225 14.10 -7.57 -0.17
C THR B 225 15.35 -7.87 -1.00
N SER B 226 15.57 -7.19 -2.13
CA SER B 226 16.68 -7.57 -2.99
C SER B 226 17.60 -6.42 -3.40
N ARG B 227 17.36 -5.20 -2.93
CA ARG B 227 18.14 -4.04 -3.32
C ARG B 227 18.26 -3.10 -2.15
N ILE B 228 19.37 -2.36 -2.10
CA ILE B 228 19.52 -1.27 -1.16
C ILE B 228 19.81 0.00 -1.96
N LEU B 229 19.10 1.07 -1.61
CA LEU B 229 18.99 2.25 -2.46
C LEU B 229 19.03 3.50 -1.60
N LEU B 230 19.29 4.62 -2.27
CA LEU B 230 19.22 5.93 -1.68
C LEU B 230 18.42 6.80 -2.64
N PHE B 231 17.50 7.59 -2.10
CA PHE B 231 16.70 8.51 -2.87
C PHE B 231 16.92 9.95 -2.42
N ASN B 232 17.01 10.87 -3.38
CA ASN B 232 16.99 12.29 -3.11
C ASN B 232 15.55 12.71 -2.80
N THR B 233 15.37 13.61 -1.82
CA THR B 233 14.04 13.99 -1.37
C THR B 233 13.55 15.32 -1.95
N THR B 234 14.10 15.77 -3.07
CA THR B 234 13.45 16.82 -3.82
C THR B 234 12.32 16.32 -4.72
N GLY B 235 12.18 15.01 -4.88
CA GLY B 235 11.15 14.40 -5.72
C GLY B 235 11.22 14.76 -7.20
N ARG B 236 12.44 14.90 -7.75
CA ARG B 236 12.61 15.21 -9.16
C ARG B 236 13.46 14.15 -9.84
N ASN B 237 13.31 12.91 -9.38
CA ASN B 237 14.17 11.78 -9.70
C ASN B 237 13.64 10.92 -10.84
N ARG B 238 12.53 11.29 -11.47
CA ARG B 238 11.85 10.44 -12.47
C ARG B 238 11.52 9.05 -11.92
N GLY B 239 11.25 8.94 -10.62
CA GLY B 239 10.93 7.66 -10.02
C GLY B 239 12.10 6.72 -9.80
N ARG B 240 13.33 7.19 -9.98
CA ARG B 240 14.54 6.39 -9.89
C ARG B 240 15.35 6.72 -8.63
N PRO B 241 16.17 5.78 -8.16
CA PRO B 241 17.06 6.10 -7.04
C PRO B 241 18.17 7.05 -7.49
N SER B 242 18.77 7.76 -6.52
CA SER B 242 19.98 8.52 -6.77
C SER B 242 21.25 7.67 -6.65
N LEU B 243 21.22 6.69 -5.76
CA LEU B 243 22.33 5.76 -5.57
C LEU B 243 21.79 4.34 -5.47
N VAL B 244 22.48 3.41 -6.09
CA VAL B 244 22.26 1.99 -5.85
C VAL B 244 23.36 1.55 -4.88
N LEU B 245 22.99 1.35 -3.62
CA LEU B 245 23.98 1.02 -2.59
C LEU B 245 24.35 -0.46 -2.63
N ASN B 246 23.38 -1.33 -2.92
CA ASN B 246 23.63 -2.75 -3.11
C ASN B 246 22.68 -3.22 -4.20
N SER B 247 23.24 -3.58 -5.35
CA SER B 247 22.45 -4.04 -6.48
C SER B 247 22.17 -5.52 -6.43
N LYS B 248 22.85 -6.26 -5.54
CA LYS B 248 22.75 -7.72 -5.50
C LYS B 248 21.84 -8.24 -4.40
N ASN B 249 21.78 -7.57 -3.26
CA ASN B 249 20.98 -8.04 -2.13
C ASN B 249 20.29 -6.88 -1.45
N GLY B 250 19.15 -7.17 -0.83
CA GLY B 250 18.44 -6.15 -0.07
C GLY B 250 18.43 -6.43 1.42
N LEU B 251 17.33 -6.08 2.08
CA LEU B 251 17.16 -6.24 3.51
C LEU B 251 15.82 -6.89 3.80
N ASP B 252 15.79 -7.69 4.86
CA ASP B 252 14.52 -8.15 5.41
C ASP B 252 13.87 -7.06 6.23
N LEU B 253 12.58 -7.22 6.48
CA LEU B 253 11.84 -6.18 7.21
C LEU B 253 12.52 -5.90 8.56
N ASN B 254 12.74 -4.61 8.84
CA ASN B 254 13.34 -4.17 10.10
C ASN B 254 14.81 -4.56 10.24
N CYS B 255 15.48 -4.96 9.16
CA CYS B 255 16.89 -5.29 9.24
C CYS B 255 17.77 -4.11 8.83
N GLY B 256 17.16 -2.95 8.62
CA GLY B 256 17.86 -1.68 8.51
C GLY B 256 17.60 -0.84 9.74
N SER B 257 18.58 -0.01 10.06
CA SER B 257 18.42 1.02 11.08
C SER B 257 19.26 2.21 10.66
N PHE B 258 19.28 3.24 11.50
CA PHE B 258 19.96 4.49 11.17
C PHE B 258 20.61 5.08 12.40
N ASN B 259 21.89 5.46 12.28
CA ASN B 259 22.67 6.03 13.37
C ASN B 259 22.75 7.54 13.19
N PRO B 260 22.05 8.33 14.01
CA PRO B 260 22.08 9.80 13.81
C PRO B 260 23.41 10.42 14.18
N ALA B 261 24.15 9.82 15.12
CA ALA B 261 25.45 10.33 15.53
C ALA B 261 26.51 10.26 14.42
N THR B 262 26.35 9.34 13.47
CA THR B 262 27.27 9.22 12.34
C THR B 262 26.59 9.51 11.02
N ASN B 263 25.28 9.76 11.01
CA ASN B 263 24.51 9.99 9.79
C ASN B 263 24.66 8.81 8.81
N GLU B 264 24.66 7.59 9.34
CA GLU B 264 24.91 6.40 8.55
C GLU B 264 23.71 5.46 8.57
N PHE B 265 23.46 4.83 7.42
CA PHE B 265 22.46 3.78 7.26
C PHE B 265 23.09 2.43 7.65
N ILE B 266 22.46 1.72 8.59
CA ILE B 266 22.94 0.44 9.10
C ILE B 266 22.16 -0.68 8.41
N CYS B 267 22.88 -1.61 7.77
CA CYS B 267 22.25 -2.65 6.97
C CYS B 267 22.69 -4.02 7.45
N CYS B 268 21.74 -4.83 7.88
CA CYS B 268 22.02 -6.14 8.44
C CYS B 268 21.67 -7.19 7.40
N LEU B 269 22.69 -7.72 6.72
CA LEU B 269 22.52 -8.83 5.82
C LEU B 269 22.86 -10.13 6.56
N SER B 270 22.93 -11.24 5.83
CA SER B 270 23.00 -12.53 6.52
C SER B 270 24.35 -12.78 7.15
N ASN B 271 25.44 -12.35 6.50
CA ASN B 271 26.77 -12.62 6.99
C ASN B 271 27.60 -11.37 7.24
N PHE B 272 27.02 -10.17 7.14
CA PHE B 272 27.76 -8.97 7.53
C PHE B 272 26.80 -7.82 7.80
N ILE B 273 27.31 -6.81 8.49
CA ILE B 273 26.63 -5.54 8.69
C ILE B 273 27.34 -4.50 7.85
N GLU B 274 26.58 -3.77 7.04
CA GLU B 274 27.12 -2.75 6.14
C GLU B 274 26.62 -1.38 6.57
N PHE B 275 27.50 -0.38 6.46
CA PHE B 275 27.22 1.00 6.84
C PHE B 275 27.38 1.88 5.60
N PHE B 276 26.34 2.63 5.26
CA PHE B 276 26.36 3.53 4.12
C PHE B 276 26.12 4.97 4.59
N SER B 277 26.91 5.91 4.07
CA SER B 277 26.62 7.32 4.26
C SER B 277 25.83 7.84 3.06
N SER B 278 25.32 9.07 3.20
CA SER B 278 24.51 9.69 2.15
C SER B 278 25.27 9.87 0.86
N SER B 279 26.60 9.80 0.89
CA SER B 279 27.36 9.87 -0.35
C SER B 279 27.58 8.49 -0.95
N GLY B 280 27.21 7.43 -0.23
CA GLY B 280 27.51 6.08 -0.65
C GLY B 280 28.81 5.52 -0.11
N LYS B 281 29.61 6.32 0.61
CA LYS B 281 30.76 5.76 1.32
C LYS B 281 30.29 4.65 2.24
N LYS B 282 31.13 3.63 2.40
CA LYS B 282 30.67 2.34 2.87
C LYS B 282 31.78 1.60 3.60
N HIS B 283 31.41 0.93 4.70
CA HIS B 283 32.31 0.02 5.39
C HIS B 283 31.46 -1.09 6.00
N GLN B 284 32.11 -2.14 6.48
CA GLN B 284 31.36 -3.32 6.92
C GLN B 284 32.21 -4.17 7.83
N PHE B 285 31.55 -5.10 8.54
CA PHE B 285 32.23 -6.12 9.33
C PHE B 285 31.40 -7.40 9.35
N ALA B 286 32.09 -8.53 9.50
CA ALA B 286 31.48 -9.85 9.38
C ALA B 286 30.77 -10.26 10.66
N PHE B 287 29.67 -10.98 10.50
CA PHE B 287 28.94 -11.52 11.65
C PHE B 287 27.90 -12.50 11.15
N ASP B 288 27.69 -13.57 11.91
CA ASP B 288 26.70 -14.60 11.56
C ASP B 288 25.33 -14.09 11.97
N LEU B 289 24.59 -13.58 10.99
CA LEU B 289 23.28 -13.01 11.22
C LEU B 289 22.22 -13.80 10.46
N SER B 290 22.47 -15.10 10.26
CA SER B 290 21.56 -15.88 9.44
C SER B 290 20.19 -16.00 10.07
N LEU B 291 20.09 -15.86 11.39
CA LEU B 291 18.83 -15.94 12.10
C LEU B 291 18.25 -14.57 12.42
N ARG B 292 18.75 -13.51 11.78
CA ARG B 292 18.35 -12.13 12.09
C ARG B 292 16.85 -11.94 11.95
N LYS B 293 16.29 -11.12 12.80
CA LYS B 293 14.89 -10.72 12.71
C LYS B 293 14.70 -9.22 12.69
N ARG B 294 15.40 -8.47 13.57
CA ARG B 294 15.36 -7.01 13.57
C ARG B 294 16.70 -6.49 14.08
N ILE B 295 17.06 -5.28 13.65
CA ILE B 295 18.15 -4.56 14.30
C ILE B 295 17.63 -3.20 14.76
N PHE B 296 18.39 -2.59 15.66
CA PHE B 296 18.02 -1.30 16.21
C PHE B 296 19.31 -0.60 16.61
N CYS B 297 19.46 0.66 16.19
CA CYS B 297 20.64 1.42 16.57
C CYS B 297 20.46 1.93 18.00
N VAL B 298 21.34 1.52 18.91
CA VAL B 298 21.15 1.87 20.32
C VAL B 298 21.76 3.22 20.65
N ASP B 299 22.94 3.51 20.07
CA ASP B 299 23.64 4.78 20.23
C ASP B 299 24.76 4.83 19.20
N LYS B 300 25.75 5.70 19.41
CA LYS B 300 26.79 5.93 18.40
C LYS B 300 27.57 4.65 18.09
N ASP B 301 27.81 3.79 19.09
CA ASP B 301 28.62 2.59 18.91
C ASP B 301 27.88 1.27 19.02
N HIS B 302 26.66 1.25 19.56
CA HIS B 302 26.01 -0.01 19.86
C HIS B 302 24.86 -0.28 18.89
N ILE B 303 24.74 -1.54 18.49
CA ILE B 303 23.69 -2.01 17.60
C ILE B 303 23.00 -3.19 18.25
N LEU B 304 21.69 -3.10 18.44
CA LEU B 304 20.94 -4.19 19.04
C LEU B 304 20.42 -5.10 17.93
N ILE B 305 20.57 -6.41 18.15
CA ILE B 305 20.19 -7.41 17.16
C ILE B 305 19.23 -8.41 17.79
N VAL B 306 18.08 -8.61 17.15
CA VAL B 306 17.12 -9.64 17.52
C VAL B 306 17.29 -10.80 16.56
N THR B 307 17.54 -12.00 17.09
CA THR B 307 17.52 -13.21 16.27
C THR B 307 16.45 -14.18 16.77
N GLU B 308 16.02 -15.03 15.86
CA GLU B 308 15.00 -16.04 16.13
C GLU B 308 15.66 -17.40 16.05
N GLU B 309 15.72 -18.13 17.16
CA GLU B 309 16.57 -19.31 17.21
C GLU B 309 15.83 -20.49 17.81
N THR B 310 16.06 -21.66 17.21
CA THR B 310 15.51 -22.92 17.72
C THR B 310 16.55 -23.74 18.49
N GLY B 311 17.84 -23.43 18.32
CA GLY B 311 18.89 -24.22 18.94
C GLY B 311 19.01 -25.64 18.47
N VAL B 312 18.52 -25.96 17.26
CA VAL B 312 18.67 -27.30 16.70
C VAL B 312 19.03 -27.22 15.21
N PRO B 324 9.17 -27.03 16.17
CA PRO B 324 10.22 -26.78 17.17
C PRO B 324 10.14 -25.37 17.75
N THR B 325 10.07 -25.25 19.07
CA THR B 325 9.91 -23.96 19.73
C THR B 325 10.92 -22.93 19.23
N ILE B 326 10.47 -21.68 19.08
CA ILE B 326 11.34 -20.55 18.74
C ILE B 326 11.36 -19.57 19.91
N ILE B 327 12.55 -19.10 20.25
CA ILE B 327 12.72 -18.01 21.20
C ILE B 327 13.46 -16.89 20.48
N ASN B 328 13.45 -15.71 21.09
CA ASN B 328 14.22 -14.57 20.60
C ASN B 328 15.47 -14.40 21.44
N ARG B 329 16.63 -14.40 20.78
CA ARG B 329 17.87 -13.99 21.43
C ARG B 329 18.15 -12.54 21.05
N ILE B 330 18.36 -11.71 22.05
CA ILE B 330 18.62 -10.29 21.84
C ILE B 330 20.04 -10.03 22.33
N PHE B 331 20.87 -9.49 21.46
CA PHE B 331 22.20 -9.10 21.90
C PHE B 331 22.55 -7.73 21.34
N ILE B 332 23.51 -7.09 21.98
CA ILE B 332 23.95 -5.75 21.62
C ILE B 332 25.43 -5.82 21.28
N ILE B 333 25.80 -5.25 20.15
CA ILE B 333 27.13 -5.32 19.59
C ILE B 333 27.78 -3.96 19.73
N ASP B 334 29.00 -3.92 20.26
CA ASP B 334 29.88 -2.77 20.13
C ASP B 334 30.79 -3.09 18.96
N ALA B 335 30.54 -2.46 17.81
CA ALA B 335 31.30 -2.75 16.60
C ALA B 335 32.76 -2.35 16.78
N LYS B 336 33.00 -1.09 17.11
CA LYS B 336 34.36 -0.55 17.13
C LYS B 336 35.23 -1.15 18.22
N ASN B 337 34.69 -2.05 19.06
CA ASN B 337 35.48 -2.72 20.10
C ASN B 337 35.38 -4.24 20.12
N LYS B 338 34.53 -4.84 19.27
CA LYS B 338 34.43 -6.29 19.19
C LYS B 338 33.92 -6.88 20.51
N ILE B 339 32.91 -6.22 21.09
CA ILE B 339 32.31 -6.65 22.35
C ILE B 339 30.85 -7.02 22.11
N ILE B 340 30.43 -8.15 22.68
CA ILE B 340 29.01 -8.45 22.84
C ILE B 340 28.60 -7.92 24.21
N SER B 341 27.89 -6.79 24.22
CA SER B 341 27.66 -6.01 25.43
C SER B 341 26.42 -6.43 26.19
N LEU B 342 25.56 -7.22 25.57
CA LEU B 342 24.36 -7.76 26.21
C LEU B 342 23.96 -8.98 25.42
N ASN B 343 23.42 -9.97 26.11
CA ASN B 343 22.98 -11.20 25.44
C ASN B 343 21.95 -11.86 26.36
N PHE B 344 20.68 -11.80 25.97
CA PHE B 344 19.63 -12.45 26.74
C PHE B 344 18.62 -13.08 25.80
N VAL B 345 17.78 -13.94 26.36
CA VAL B 345 16.73 -14.62 25.61
C VAL B 345 15.38 -14.29 26.24
N VAL B 346 14.34 -14.28 25.41
CA VAL B 346 12.96 -14.22 25.86
C VAL B 346 12.17 -15.25 25.07
N SER B 347 11.25 -15.94 25.75
CA SER B 347 10.42 -16.95 25.10
C SER B 347 9.12 -16.33 24.60
N SER B 348 9.25 -15.20 23.91
CA SER B 348 8.11 -14.37 23.55
C SER B 348 8.49 -13.57 22.32
N ALA B 349 7.50 -13.22 21.50
CA ALA B 349 7.79 -12.38 20.35
C ALA B 349 7.94 -10.92 20.77
N ILE B 350 8.60 -10.15 19.91
CA ILE B 350 8.91 -8.76 20.18
C ILE B 350 7.96 -7.85 19.38
N ILE B 351 7.28 -6.97 20.08
CA ILE B 351 6.30 -6.10 19.45
C ILE B 351 6.95 -4.87 18.85
N ASP B 352 7.82 -4.21 19.61
CA ASP B 352 8.51 -3.04 19.10
C ASP B 352 9.73 -2.76 19.98
N ILE B 353 10.59 -1.91 19.46
CA ILE B 353 11.83 -1.48 20.10
C ILE B 353 11.94 0.02 19.90
N PHE B 354 12.00 0.77 21.01
CA PHE B 354 12.07 2.22 20.94
C PHE B 354 13.03 2.72 22.02
N SER B 355 13.42 3.98 21.89
CA SER B 355 14.49 4.55 22.70
CA SER B 355 14.45 4.53 22.76
C SER B 355 14.12 5.97 23.14
N THR B 356 14.71 6.40 24.24
CA THR B 356 14.55 7.77 24.73
C THR B 356 15.91 8.22 25.25
N SER B 357 16.05 9.53 25.46
CA SER B 357 17.30 10.11 25.94
C SER B 357 17.07 10.80 27.27
N GLN B 358 17.72 10.30 28.32
CA GLN B 358 17.67 10.90 29.65
C GLN B 358 19.07 10.96 30.24
N SER B 359 19.40 12.11 30.84
CA SER B 359 20.67 12.31 31.54
C SER B 359 21.86 12.07 30.60
N GLY B 360 21.71 12.47 29.35
CA GLY B 360 22.76 12.34 28.35
C GLY B 360 23.02 10.93 27.85
N LYS B 361 22.29 9.93 28.33
CA LYS B 361 22.48 8.57 27.88
C LYS B 361 21.15 7.99 27.39
N ASN B 362 21.25 7.09 26.41
CA ASN B 362 20.07 6.51 25.81
C ASN B 362 19.54 5.36 26.64
N ILE B 363 18.21 5.25 26.70
CA ILE B 363 17.52 4.11 27.29
C ILE B 363 16.77 3.40 26.19
N THR B 364 16.99 2.09 26.07
CA THR B 364 16.33 1.28 25.05
C THR B 364 15.24 0.43 25.69
N TYR B 365 14.09 0.36 25.03
CA TYR B 365 12.94 -0.38 25.53
C TYR B 365 12.53 -1.43 24.51
N LEU B 366 12.36 -2.65 24.98
CA LEU B 366 11.87 -3.74 24.16
CA LEU B 366 11.85 -3.75 24.15
C LEU B 366 10.54 -4.23 24.74
N LEU B 367 9.48 -4.17 23.94
CA LEU B 367 8.16 -4.64 24.35
C LEU B 367 7.93 -6.04 23.79
N THR B 368 7.62 -6.99 24.65
CA THR B 368 7.31 -8.34 24.21
C THR B 368 5.81 -8.50 24.10
N SER B 369 5.39 -9.56 23.42
CA SER B 369 3.98 -9.79 23.20
C SER B 369 3.26 -10.28 24.46
N GLU B 370 3.99 -10.76 25.46
CA GLU B 370 3.42 -11.16 26.73
C GLU B 370 3.28 -10.00 27.71
N GLY B 371 3.59 -8.78 27.29
CA GLY B 371 3.37 -7.63 28.12
C GLY B 371 4.50 -7.30 29.06
N VAL B 372 5.71 -7.76 28.78
CA VAL B 372 6.89 -7.40 29.54
C VAL B 372 7.65 -6.35 28.75
N MET B 373 8.02 -5.26 29.41
CA MET B 373 8.91 -4.27 28.84
C MET B 373 10.29 -4.42 29.45
N HIS B 374 11.28 -4.70 28.60
CA HIS B 374 12.67 -4.73 29.03
C HIS B 374 13.24 -3.33 28.91
N ARG B 375 13.72 -2.79 30.03
CA ARG B 375 14.36 -1.48 30.05
C ARG B 375 15.87 -1.69 30.09
N ILE B 376 16.56 -1.18 29.06
CA ILE B 376 17.98 -1.47 28.85
C ILE B 376 18.77 -0.17 28.93
N THR B 377 19.67 -0.09 29.91
CA THR B 377 20.48 1.08 30.24
C THR B 377 21.95 0.69 30.35
N PRO B 378 22.86 1.49 29.79
CA PRO B 378 24.29 1.22 30.02
C PRO B 378 24.64 1.41 31.48
N LYS B 379 25.69 0.69 31.90
CA LYS B 379 26.07 0.74 33.30
C LYS B 379 27.47 1.32 33.41
N TRP C 35 -3.79 7.12 -44.13
CA TRP C 35 -2.37 7.43 -43.97
C TRP C 35 -1.49 6.24 -44.34
N ARG C 36 -0.78 6.37 -45.45
CA ARG C 36 0.05 5.29 -45.97
C ARG C 36 1.38 5.22 -45.23
N GLN C 37 1.85 3.99 -45.04
CA GLN C 37 2.98 3.68 -44.19
C GLN C 37 4.17 3.23 -45.03
N PHE C 38 5.31 3.88 -44.84
CA PHE C 38 6.56 3.53 -45.50
C PHE C 38 7.66 3.44 -44.46
N GLN C 39 8.79 2.86 -44.85
CA GLN C 39 9.92 2.69 -43.93
C GLN C 39 11.10 3.44 -44.52
N LEU C 40 11.11 4.75 -44.32
CA LEU C 40 12.10 5.65 -44.90
C LEU C 40 13.16 6.08 -43.89
N PHE C 41 13.12 5.55 -42.67
CA PHE C 41 14.12 5.82 -41.66
C PHE C 41 14.67 4.51 -41.14
N GLU C 42 15.95 4.51 -40.79
CA GLU C 42 16.55 3.35 -40.15
C GLU C 42 16.50 3.52 -38.65
N ASN C 43 16.17 2.43 -37.94
CA ASN C 43 16.08 2.40 -36.49
C ASN C 43 17.06 1.34 -35.96
N ILE C 44 18.16 1.77 -35.35
CA ILE C 44 19.21 0.90 -34.85
C ILE C 44 19.17 0.94 -33.32
N PRO C 45 18.71 -0.12 -32.65
CA PRO C 45 18.72 -0.13 -31.18
C PRO C 45 20.10 -0.57 -30.68
N ILE C 46 20.67 0.23 -29.78
CA ILE C 46 22.00 -0.01 -29.23
C ILE C 46 21.87 -0.07 -27.71
N ARG C 47 22.01 -1.26 -27.14
CA ARG C 47 22.10 -1.39 -25.69
C ARG C 47 23.48 -0.93 -25.22
N ASP C 48 23.51 -0.25 -24.05
CA ASP C 48 24.74 0.15 -23.38
C ASP C 48 25.76 -0.99 -23.42
N PRO C 49 26.90 -0.81 -24.09
CA PRO C 49 27.89 -1.90 -24.19
C PRO C 49 28.45 -2.31 -22.84
N ASN C 50 28.37 -1.47 -21.83
CA ASN C 50 28.81 -1.78 -20.48
C ASN C 50 27.71 -2.38 -19.61
N PHE C 51 26.56 -2.71 -20.21
CA PHE C 51 25.42 -3.27 -19.49
C PHE C 51 25.84 -4.48 -18.66
N GLY C 52 25.51 -4.44 -17.38
CA GLY C 52 25.85 -5.54 -16.50
C GLY C 52 27.22 -5.42 -15.85
N GLY C 53 27.86 -4.27 -15.95
CA GLY C 53 29.13 -4.04 -15.30
C GLY C 53 28.99 -3.07 -14.14
N ASP C 54 30.14 -2.63 -13.65
CA ASP C 54 30.21 -1.54 -12.68
C ASP C 54 30.57 -0.21 -13.33
N SER C 55 30.74 -0.18 -14.65
CA SER C 55 31.00 1.07 -15.36
C SER C 55 29.85 1.39 -16.30
N LEU C 56 28.63 1.46 -15.77
CA LEU C 56 27.46 1.68 -16.62
C LEU C 56 27.51 3.04 -17.30
N LEU C 57 26.99 3.08 -18.53
CA LEU C 57 26.90 4.31 -19.31
C LEU C 57 25.47 4.81 -19.28
N TYR C 58 24.82 4.92 -20.45
CA TYR C 58 23.47 5.47 -20.46
C TYR C 58 22.42 4.49 -19.98
N SER C 59 22.82 3.27 -19.61
CA SER C 59 21.89 2.36 -18.96
C SER C 59 21.91 2.49 -17.45
N ASP C 60 22.68 3.43 -16.90
CA ASP C 60 22.78 3.64 -15.47
C ASP C 60 21.38 3.82 -14.89
N PRO C 61 20.99 3.04 -13.89
CA PRO C 61 19.59 3.13 -13.41
C PRO C 61 19.29 4.41 -12.66
N THR C 62 20.30 5.24 -12.36
CA THR C 62 20.08 6.55 -11.75
C THR C 62 20.15 7.69 -12.75
N LEU C 63 20.32 7.40 -14.04
CA LEU C 63 20.42 8.47 -15.02
C LEU C 63 19.15 9.31 -14.98
N CYS C 64 19.31 10.62 -14.91
CA CYS C 64 18.17 11.53 -14.85
C CYS C 64 18.16 12.57 -15.96
N ALA C 65 19.17 12.59 -16.83
CA ALA C 65 19.20 13.54 -17.93
C ALA C 65 20.25 13.11 -18.92
N ALA C 66 20.05 13.49 -20.17
CA ALA C 66 20.97 13.07 -21.22
C ALA C 66 20.86 14.06 -22.37
N THR C 67 22.01 14.39 -22.95
CA THR C 67 22.06 15.23 -24.12
C THR C 67 23.24 14.74 -24.95
N ILE C 68 23.36 15.26 -26.17
CA ILE C 68 24.37 14.77 -27.10
C ILE C 68 25.11 15.98 -27.66
N VAL C 69 26.42 15.81 -27.88
CA VAL C 69 27.24 16.84 -28.50
C VAL C 69 27.40 16.58 -29.99
N ASP C 70 27.66 15.33 -30.34
CA ASP C 70 27.88 14.88 -31.71
C ASP C 70 27.70 13.38 -31.72
N PRO C 71 27.73 12.73 -32.88
CA PRO C 71 27.43 11.28 -32.92
C PRO C 71 28.38 10.43 -32.07
N GLN C 72 29.51 10.97 -31.66
CA GLN C 72 30.48 10.23 -30.87
C GLN C 72 30.45 10.55 -29.39
N THR C 73 29.71 11.58 -28.97
CA THR C 73 29.88 12.17 -27.64
C THR C 73 28.54 12.43 -26.98
N LEU C 74 28.23 11.65 -25.95
CA LEU C 74 27.02 11.81 -25.16
C LEU C 74 27.38 12.34 -23.77
N ILE C 75 26.51 13.19 -23.20
CA ILE C 75 26.68 13.70 -21.85
C ILE C 75 25.48 13.32 -21.01
N ILE C 76 25.71 12.77 -19.82
CA ILE C 76 24.62 12.27 -19.00
C ILE C 76 24.78 12.79 -17.58
N ALA C 77 23.65 12.85 -16.88
CA ALA C 77 23.60 13.15 -15.46
C ALA C 77 23.15 11.91 -14.71
N VAL C 78 23.93 11.49 -13.73
CA VAL C 78 23.61 10.34 -12.91
C VAL C 78 23.87 10.73 -11.45
N ASN C 79 23.34 9.92 -10.53
CA ASN C 79 23.55 10.15 -9.11
C ASN C 79 23.16 11.57 -8.71
N SER C 80 22.02 12.02 -9.23
CA SER C 80 21.41 13.33 -8.95
C SER C 80 22.19 14.52 -9.51
N ASN C 81 23.52 14.58 -9.30
CA ASN C 81 24.22 15.80 -9.70
C ASN C 81 25.60 15.53 -10.27
N ILE C 82 25.86 14.32 -10.77
CA ILE C 82 27.14 13.99 -11.40
C ILE C 82 26.97 14.00 -12.93
N ILE C 83 27.79 14.79 -13.61
CA ILE C 83 27.78 14.89 -15.06
C ILE C 83 28.91 14.04 -15.63
N LYS C 84 28.59 13.19 -16.60
CA LYS C 84 29.59 12.35 -17.25
C LYS C 84 29.60 12.62 -18.75
N VAL C 85 30.80 12.80 -19.31
CA VAL C 85 31.01 12.81 -20.76
C VAL C 85 31.32 11.39 -21.21
N VAL C 86 30.47 10.83 -22.07
CA VAL C 86 30.60 9.47 -22.56
C VAL C 86 31.04 9.53 -24.01
N LYS C 87 32.14 8.85 -24.32
CA LYS C 87 32.59 8.71 -25.70
C LYS C 87 32.02 7.39 -26.24
N LEU C 88 31.03 7.50 -27.14
CA LEU C 88 30.27 6.34 -27.59
C LEU C 88 31.12 5.37 -28.42
N ASN C 89 32.13 5.87 -29.13
CA ASN C 89 33.00 4.97 -29.89
C ASN C 89 33.81 4.06 -28.97
N GLN C 90 34.29 4.60 -27.86
CA GLN C 90 35.16 3.88 -26.95
C GLN C 90 34.42 3.23 -25.79
N SER C 91 33.11 3.49 -25.65
CA SER C 91 32.31 3.02 -24.53
C SER C 91 33.01 3.31 -23.20
N GLN C 92 33.49 4.54 -23.08
CA GLN C 92 34.24 4.97 -21.91
C GLN C 92 33.75 6.34 -21.48
N VAL C 93 33.63 6.53 -20.16
CA VAL C 93 33.51 7.86 -19.58
C VAL C 93 34.88 8.52 -19.64
N ILE C 94 34.97 9.66 -20.34
CA ILE C 94 36.25 10.36 -20.41
C ILE C 94 36.35 11.52 -19.44
N HIS C 95 35.25 11.91 -18.80
CA HIS C 95 35.30 12.97 -17.81
C HIS C 95 34.02 12.93 -16.99
N GLU C 96 34.16 13.10 -15.68
CA GLU C 96 33.00 13.13 -14.80
C GLU C 96 33.28 14.12 -13.69
N PHE C 97 32.23 14.78 -13.21
CA PHE C 97 32.37 15.73 -12.11
C PHE C 97 31.02 15.97 -11.47
N GLN C 98 31.01 16.14 -10.15
CA GLN C 98 29.85 16.68 -9.48
C GLN C 98 29.67 18.15 -9.89
N SER C 99 28.44 18.52 -10.29
CA SER C 99 28.19 19.86 -10.81
C SER C 99 27.36 20.74 -9.88
N PHE C 100 26.71 20.19 -8.87
CA PHE C 100 25.85 20.96 -7.98
C PHE C 100 26.07 20.44 -6.56
N PRO C 101 25.69 21.22 -5.55
CA PRO C 101 25.78 20.72 -4.18
C PRO C 101 24.97 19.44 -3.98
N HIS C 102 25.31 18.73 -2.91
CA HIS C 102 24.88 17.36 -2.69
C HIS C 102 23.36 17.19 -2.73
N ASP C 103 22.62 18.21 -2.33
CA ASP C 103 21.17 18.10 -2.25
C ASP C 103 20.46 18.48 -3.55
N PHE C 104 21.16 18.99 -4.54
CA PHE C 104 20.51 19.42 -5.78
C PHE C 104 20.33 18.23 -6.72
N GLN C 105 19.27 18.31 -7.53
CA GLN C 105 18.91 17.32 -8.52
C GLN C 105 18.93 17.98 -9.89
N ILE C 106 19.81 17.52 -10.78
CA ILE C 106 19.76 17.98 -12.17
C ILE C 106 18.46 17.54 -12.80
N THR C 107 17.80 18.46 -13.49
CA THR C 107 16.59 18.14 -14.23
C THR C 107 16.66 18.50 -15.71
N PHE C 108 17.68 19.21 -16.19
CA PHE C 108 17.82 19.51 -17.61
C PHE C 108 19.30 19.58 -17.96
N LEU C 109 19.64 19.07 -19.13
CA LEU C 109 20.95 19.24 -19.74
C LEU C 109 20.76 19.65 -21.20
N LYS C 110 21.60 20.56 -21.66
CA LYS C 110 21.45 21.08 -23.02
C LYS C 110 22.84 21.47 -23.54
N VAL C 111 23.12 21.10 -24.78
CA VAL C 111 24.29 21.58 -25.50
C VAL C 111 23.86 22.76 -26.35
N ILE C 112 24.54 23.89 -26.18
CA ILE C 112 24.18 25.15 -26.81
C ILE C 112 25.27 25.50 -27.81
N ASN C 113 24.90 25.54 -29.08
CA ASN C 113 25.78 25.99 -30.15
C ASN C 113 27.08 25.19 -30.20
N GLY C 114 27.02 23.91 -29.81
CA GLY C 114 28.21 23.07 -29.82
C GLY C 114 29.37 23.62 -29.01
N GLU C 115 29.10 24.55 -28.10
CA GLU C 115 30.11 25.32 -27.37
C GLU C 115 29.95 25.20 -25.87
N PHE C 116 28.70 25.19 -25.40
CA PHE C 116 28.41 25.27 -23.99
C PHE C 116 27.57 24.08 -23.54
N LEU C 117 27.81 23.67 -22.30
CA LEU C 117 26.93 22.74 -21.61
C LEU C 117 26.19 23.52 -20.55
N VAL C 118 24.86 23.42 -20.57
CA VAL C 118 24.00 24.06 -19.60
C VAL C 118 23.28 22.98 -18.81
N ALA C 119 23.25 23.14 -17.50
CA ALA C 119 22.58 22.21 -16.61
C ALA C 119 21.65 22.99 -15.69
N LEU C 120 20.42 22.51 -15.50
CA LEU C 120 19.48 23.08 -14.54
C LEU C 120 19.33 22.10 -13.38
N ALA C 121 19.31 22.61 -12.15
CA ALA C 121 19.12 21.72 -11.01
C ALA C 121 18.22 22.37 -9.96
N GLU C 122 17.56 21.52 -9.17
CA GLU C 122 16.56 21.96 -8.19
C GLU C 122 16.78 21.28 -6.84
N SER C 123 16.36 22.00 -5.80
CA SER C 123 16.39 21.50 -4.43
C SER C 123 15.27 22.21 -3.71
N ILE C 124 14.27 21.44 -3.27
CA ILE C 124 12.99 22.03 -2.86
C ILE C 124 13.21 23.06 -1.77
N GLY C 125 12.60 24.24 -1.93
CA GLY C 125 12.76 25.28 -0.95
C GLY C 125 14.01 26.13 -1.11
N LYS C 126 14.86 25.84 -2.08
CA LYS C 126 15.98 26.69 -2.44
C LYS C 126 15.78 27.20 -3.86
N PRO C 127 16.28 28.38 -4.20
CA PRO C 127 16.21 28.82 -5.59
C PRO C 127 16.86 27.81 -6.52
N SER C 128 16.21 27.55 -7.64
CA SER C 128 16.80 26.68 -8.64
C SER C 128 18.01 27.35 -9.30
N LEU C 129 18.84 26.54 -9.94
CA LEU C 129 20.15 26.98 -10.41
C LEU C 129 20.36 26.55 -11.84
N ILE C 130 20.87 27.48 -12.65
CA ILE C 130 21.38 27.19 -13.99
C ILE C 130 22.87 27.35 -13.94
N ARG C 131 23.61 26.38 -14.46
CA ARG C 131 25.05 26.47 -14.53
C ARG C 131 25.48 26.21 -15.96
N VAL C 132 26.43 27.02 -16.41
CA VAL C 132 26.98 26.99 -17.76
C VAL C 132 28.44 26.54 -17.68
N TYR C 133 28.86 25.72 -18.64
CA TYR C 133 30.23 25.23 -18.75
C TYR C 133 30.66 25.31 -20.20
N LYS C 134 31.94 25.65 -20.41
CA LYS C 134 32.55 25.51 -21.73
C LYS C 134 32.86 24.05 -21.97
N LEU C 135 32.40 23.51 -23.11
CA LEU C 135 32.64 22.10 -23.41
C LEU C 135 34.11 21.76 -23.42
N GLU C 136 34.96 22.66 -23.93
CA GLU C 136 36.38 22.39 -24.03
C GLU C 136 37.09 22.37 -22.68
N LYS C 137 36.47 22.93 -21.64
CA LYS C 137 37.11 23.09 -20.34
C LYS C 137 36.12 22.75 -19.21
N LEU C 138 35.67 21.49 -19.17
CA LEU C 138 34.79 21.10 -18.09
C LEU C 138 35.59 21.02 -16.79
N PRO C 139 35.04 21.50 -15.69
CA PRO C 139 35.77 21.48 -14.41
C PRO C 139 35.68 20.09 -13.79
N ASN C 140 36.38 19.90 -12.68
CA ASN C 140 36.32 18.62 -11.99
C ASN C 140 35.71 18.72 -10.59
N ARG C 141 35.21 19.87 -10.18
CA ARG C 141 34.57 20.01 -8.87
C ARG C 141 33.38 20.95 -8.98
N GLU C 142 32.44 20.76 -8.05
CA GLU C 142 31.17 21.48 -8.08
C GLU C 142 31.34 22.98 -7.94
N GLN C 143 32.36 23.42 -7.21
CA GLN C 143 32.54 24.86 -6.98
C GLN C 143 32.92 25.63 -8.25
N LEU C 144 33.23 24.95 -9.36
CA LEU C 144 33.76 25.60 -10.56
C LEU C 144 32.73 25.54 -11.68
N TYR C 145 32.40 26.70 -12.23
CA TYR C 145 31.48 26.82 -13.36
C TYR C 145 31.74 28.15 -14.06
N HIS C 146 31.44 28.19 -15.37
CA HIS C 146 31.67 29.40 -16.13
C HIS C 146 30.70 30.51 -15.76
N SER C 147 29.41 30.18 -15.59
CA SER C 147 28.43 31.16 -15.17
C SER C 147 27.29 30.46 -14.46
N GLN C 148 26.59 31.23 -13.61
CA GLN C 148 25.42 30.73 -12.89
C GLN C 148 24.29 31.75 -12.97
N VAL C 149 23.07 31.22 -13.12
CA VAL C 149 21.84 31.99 -13.00
C VAL C 149 21.01 31.35 -11.88
N GLU C 150 20.60 32.16 -10.92
CA GLU C 150 19.80 31.74 -9.78
C GLU C 150 18.34 32.13 -10.01
N LEU C 151 17.43 31.16 -9.87
CA LEU C 151 16.01 31.35 -10.19
C LEU C 151 15.18 31.22 -8.92
N LYS C 152 14.57 32.33 -8.49
CA LYS C 152 13.64 32.30 -7.38
C LYS C 152 12.20 32.29 -7.91
N ASN C 153 11.36 31.46 -7.28
CA ASN C 153 9.93 31.36 -7.62
C ASN C 153 9.19 31.11 -6.31
N GLY C 154 8.74 32.20 -5.67
CA GLY C 154 8.03 32.10 -4.40
C GLY C 154 8.83 31.32 -3.35
N ASN C 155 8.19 30.34 -2.74
CA ASN C 155 8.88 29.52 -1.75
C ASN C 155 9.68 28.38 -2.40
N ASN C 156 9.75 28.35 -3.74
CA ASN C 156 10.63 27.46 -4.48
C ASN C 156 10.27 25.99 -4.27
N THR C 157 8.98 25.69 -4.17
CA THR C 157 8.49 24.32 -4.16
C THR C 157 7.95 23.88 -5.51
N TYR C 158 7.95 24.76 -6.49
CA TYR C 158 7.36 24.43 -7.77
C TYR C 158 8.44 24.07 -8.76
N PRO C 159 8.41 22.85 -9.32
CA PRO C 159 9.47 22.45 -10.25
C PRO C 159 9.44 23.26 -11.54
N ILE C 160 10.63 23.35 -12.15
CA ILE C 160 10.75 23.83 -13.51
C ILE C 160 10.25 22.78 -14.47
N SER C 161 9.42 23.20 -15.41
CA SER C 161 8.83 22.27 -16.35
C SER C 161 9.44 22.36 -17.74
N VAL C 162 9.92 23.53 -18.16
CA VAL C 162 10.41 23.74 -19.51
C VAL C 162 11.46 24.85 -19.49
N VAL C 163 12.39 24.79 -20.45
CA VAL C 163 13.38 25.84 -20.61
C VAL C 163 13.78 25.93 -22.07
N SER C 164 14.03 27.17 -22.53
CA SER C 164 14.52 27.42 -23.87
C SER C 164 15.65 28.44 -23.77
N ILE C 165 16.69 28.23 -24.57
CA ILE C 165 17.94 28.97 -24.47
C ILE C 165 18.40 29.34 -25.88
N SER C 166 18.68 30.62 -26.10
CA SER C 166 19.12 31.04 -27.41
C SER C 166 20.53 30.51 -27.71
N ASN C 167 20.87 30.52 -29.00
CA ASN C 167 22.12 29.95 -29.46
C ASN C 167 23.34 30.68 -28.92
N ASP C 168 23.20 31.97 -28.57
CA ASP C 168 24.30 32.72 -28.00
C ASP C 168 24.24 32.81 -26.48
N LEU C 169 23.23 32.20 -25.86
CA LEU C 169 23.03 32.17 -24.41
C LEU C 169 22.64 33.53 -23.85
N SER C 170 22.33 34.53 -24.70
CA SER C 170 21.98 35.84 -24.17
C SER C 170 20.51 35.96 -23.78
N CYS C 171 19.68 34.95 -24.08
CA CYS C 171 18.27 34.98 -23.75
C CYS C 171 17.85 33.58 -23.29
N ILE C 172 17.30 33.49 -22.08
CA ILE C 172 16.83 32.22 -21.54
C ILE C 172 15.42 32.44 -21.01
N VAL C 173 14.52 31.50 -21.25
CA VAL C 173 13.20 31.53 -20.65
C VAL C 173 12.96 30.22 -19.92
N VAL C 174 12.38 30.31 -18.73
CA VAL C 174 12.13 29.15 -17.89
C VAL C 174 10.67 29.18 -17.47
N GLY C 175 9.98 28.06 -17.63
CA GLY C 175 8.60 27.92 -17.16
C GLY C 175 8.51 26.94 -16.02
N PHE C 176 7.52 27.15 -15.13
CA PHE C 176 7.34 26.38 -13.91
C PHE C 176 5.96 25.74 -13.85
N ILE C 177 5.86 24.75 -12.95
CA ILE C 177 4.63 24.00 -12.72
C ILE C 177 3.49 24.88 -12.18
N ASN C 178 3.80 26.02 -11.55
CA ASN C 178 2.73 26.92 -11.09
C ASN C 178 2.38 28.02 -12.09
N GLY C 179 2.89 27.97 -13.32
CA GLY C 179 2.47 28.89 -14.36
C GLY C 179 3.32 30.13 -14.58
N LYS C 180 4.46 30.24 -13.90
CA LYS C 180 5.34 31.39 -14.04
C LYS C 180 6.31 31.16 -15.17
N ILE C 181 6.59 32.22 -15.93
CA ILE C 181 7.65 32.24 -16.94
C ILE C 181 8.61 33.33 -16.53
N ILE C 182 9.90 33.01 -16.48
CA ILE C 182 10.95 33.97 -16.19
C ILE C 182 11.76 34.17 -17.47
N LEU C 183 12.00 35.43 -17.81
CA LEU C 183 12.89 35.83 -18.89
C LEU C 183 14.22 36.31 -18.30
N ILE C 184 15.31 35.75 -18.79
CA ILE C 184 16.66 36.10 -18.36
C ILE C 184 17.43 36.58 -19.58
N ARG C 185 18.00 37.77 -19.50
CA ARG C 185 18.79 38.33 -20.60
C ARG C 185 20.07 38.92 -20.04
N GLY C 186 21.15 38.73 -20.77
CA GLY C 186 22.47 39.15 -20.32
C GLY C 186 23.55 38.50 -21.13
N ASP C 187 24.79 38.92 -20.89
CA ASP C 187 25.95 38.38 -21.58
C ASP C 187 26.52 37.22 -20.77
N ILE C 188 25.76 36.11 -20.81
CA ILE C 188 26.02 34.95 -19.97
C ILE C 188 27.18 34.13 -20.51
N SER C 189 27.36 34.07 -21.85
CA SER C 189 28.50 33.38 -22.42
C SER C 189 29.82 33.96 -21.92
N ARG C 190 29.83 35.24 -21.54
CA ARG C 190 31.01 35.88 -20.99
C ARG C 190 30.90 36.12 -19.48
N ASP C 191 29.87 35.56 -18.84
CA ASP C 191 29.72 35.65 -17.39
C ASP C 191 29.65 37.10 -16.94
N ARG C 192 28.95 37.93 -17.70
CA ARG C 192 28.84 39.36 -17.43
C ARG C 192 27.60 39.73 -16.61
N GLY C 193 26.92 38.76 -16.02
CA GLY C 193 25.71 39.05 -15.27
C GLY C 193 24.50 39.22 -16.17
N SER C 194 23.32 39.09 -15.56
CA SER C 194 22.09 39.03 -16.31
C SER C 194 20.99 39.76 -15.55
N GLN C 195 19.92 40.09 -16.26
CA GLN C 195 18.72 40.63 -15.65
C GLN C 195 17.55 39.68 -15.86
N GLN C 196 16.69 39.57 -14.87
CA GLN C 196 15.56 38.66 -14.89
C GLN C 196 14.26 39.43 -14.78
N ARG C 197 13.23 38.94 -15.48
CA ARG C 197 11.89 39.50 -15.47
C ARG C 197 10.89 38.34 -15.50
N ILE C 198 9.91 38.36 -14.60
CA ILE C 198 8.70 37.57 -14.73
C ILE C 198 7.86 38.16 -15.85
N ILE C 199 7.65 37.39 -16.92
CA ILE C 199 6.87 37.89 -18.05
C ILE C 199 5.51 37.24 -18.15
N TYR C 200 5.19 36.25 -17.32
CA TYR C 200 3.87 35.63 -17.33
C TYR C 200 3.62 34.96 -16.00
N GLU C 201 2.41 35.10 -15.48
CA GLU C 201 1.94 34.32 -14.33
C GLU C 201 0.52 33.88 -14.62
N ASP C 202 0.37 32.61 -15.00
CA ASP C 202 -0.91 32.10 -15.45
C ASP C 202 -1.99 32.35 -14.39
N PRO C 203 -3.13 32.93 -14.76
CA PRO C 203 -4.13 33.33 -13.76
C PRO C 203 -4.73 32.16 -12.97
N SER C 204 -4.72 30.95 -13.50
CA SER C 204 -5.22 29.82 -12.75
C SER C 204 -4.08 28.95 -12.23
N LYS C 205 -2.84 29.37 -12.43
CA LYS C 205 -1.65 28.63 -12.00
C LYS C 205 -1.57 27.26 -12.69
N GLU C 206 -2.05 27.18 -13.92
CA GLU C 206 -1.83 25.99 -14.70
C GLU C 206 -0.38 25.92 -15.14
N PRO C 207 0.19 24.72 -15.24
CA PRO C 207 1.62 24.61 -15.53
C PRO C 207 1.97 25.10 -16.94
N ILE C 208 3.20 25.57 -17.10
CA ILE C 208 3.77 25.82 -18.43
C ILE C 208 4.24 24.48 -19.01
N THR C 209 3.72 24.12 -20.17
CA THR C 209 3.98 22.80 -20.73
C THR C 209 4.82 22.83 -21.98
N ALA C 210 5.07 24.01 -22.55
CA ALA C 210 5.89 24.16 -23.74
C ALA C 210 6.52 25.54 -23.67
N LEU C 211 7.76 25.63 -24.17
CA LEU C 211 8.47 26.91 -24.17
C LEU C 211 9.60 26.81 -25.20
N PHE C 212 9.51 27.59 -26.27
CA PHE C 212 10.54 27.56 -27.33
C PHE C 212 10.73 28.96 -27.87
N LEU C 213 11.98 29.43 -27.89
CA LEU C 213 12.31 30.70 -28.51
C LEU C 213 12.30 30.56 -30.03
N ASN C 214 11.85 31.60 -30.73
CA ASN C 214 12.02 31.54 -32.19
C ASN C 214 13.49 31.75 -32.55
N ASN C 215 13.79 31.75 -33.85
CA ASN C 215 15.18 31.69 -34.31
C ASN C 215 16.01 32.92 -33.93
N ASP C 216 15.42 34.11 -33.88
CA ASP C 216 16.19 35.27 -33.43
C ASP C 216 15.87 35.65 -32.00
N ALA C 217 15.18 34.77 -31.27
CA ALA C 217 14.88 34.98 -29.86
C ALA C 217 14.19 36.31 -29.60
N THR C 218 13.41 36.80 -30.57
CA THR C 218 12.56 37.96 -30.30
C THR C 218 11.20 37.57 -29.75
N ALA C 219 10.86 36.30 -29.77
CA ALA C 219 9.62 35.87 -29.15
C ALA C 219 9.81 34.45 -28.65
N CYS C 220 8.93 34.05 -27.76
CA CYS C 220 8.92 32.67 -27.31
CA CYS C 220 8.91 32.70 -27.23
C CYS C 220 7.51 32.12 -27.38
N PHE C 221 7.41 30.95 -28.01
CA PHE C 221 6.21 30.15 -28.01
C PHE C 221 6.06 29.50 -26.65
N ALA C 222 4.81 29.36 -26.22
CA ALA C 222 4.53 28.83 -24.89
C ALA C 222 3.18 28.15 -24.92
N ALA C 223 2.98 27.24 -23.96
CA ALA C 223 1.66 26.66 -23.76
C ALA C 223 1.48 26.38 -22.29
N THR C 224 0.22 26.37 -21.88
CA THR C 224 -0.25 25.82 -20.62
C THR C 224 -1.15 24.63 -20.96
N THR C 225 -1.79 24.05 -19.95
CA THR C 225 -2.76 23.00 -20.21
C THR C 225 -4.06 23.54 -20.80
N SER C 226 -4.22 24.86 -20.95
CA SER C 226 -5.48 25.40 -21.48
C SER C 226 -5.32 26.36 -22.64
N ARG C 227 -4.12 26.84 -22.93
CA ARG C 227 -3.93 27.82 -23.99
C ARG C 227 -2.58 27.66 -24.66
N ILE C 228 -2.51 28.09 -25.91
CA ILE C 228 -1.25 28.24 -26.64
C ILE C 228 -1.02 29.73 -26.86
N LEU C 229 0.20 30.19 -26.58
CA LEU C 229 0.48 31.60 -26.44
C LEU C 229 1.79 31.93 -27.13
N LEU C 230 2.01 33.22 -27.38
CA LEU C 230 3.29 33.76 -27.81
C LEU C 230 3.62 34.99 -26.96
N PHE C 231 4.85 35.08 -26.48
CA PHE C 231 5.32 36.24 -25.73
C PHE C 231 6.48 36.90 -26.48
N ASN C 232 6.47 38.22 -26.59
CA ASN C 232 7.71 38.80 -27.06
C ASN C 232 8.73 38.79 -25.92
N THR C 233 9.99 39.06 -26.26
CA THR C 233 11.07 38.98 -25.27
C THR C 233 11.64 40.34 -24.92
N THR C 234 10.87 41.43 -25.13
CA THR C 234 11.30 42.78 -24.75
C THR C 234 11.30 43.02 -23.24
N GLY C 235 10.70 42.12 -22.45
CA GLY C 235 10.45 42.38 -21.04
C GLY C 235 9.48 43.51 -20.74
N ARG C 236 8.79 44.08 -21.73
CA ARG C 236 7.86 45.18 -21.51
C ARG C 236 6.40 44.78 -21.73
N ASN C 237 6.10 43.49 -21.66
CA ASN C 237 4.78 43.00 -22.03
C ASN C 237 3.77 43.04 -20.89
N ARG C 238 4.13 43.56 -19.72
CA ARG C 238 3.18 43.76 -18.61
C ARG C 238 2.53 42.45 -18.16
N GLY C 239 3.22 41.33 -18.28
CA GLY C 239 2.68 40.06 -17.86
C GLY C 239 1.71 39.43 -18.82
N ARG C 240 1.52 39.99 -19.99
CA ARG C 240 0.48 39.52 -20.90
C ARG C 240 1.10 38.93 -22.16
N PRO C 241 0.42 38.01 -22.83
CA PRO C 241 0.99 37.48 -24.07
C PRO C 241 0.90 38.54 -25.16
N SER C 242 1.70 38.33 -26.21
CA SER C 242 1.64 39.16 -27.39
C SER C 242 0.69 38.61 -28.44
N LEU C 243 0.51 37.28 -28.46
CA LEU C 243 -0.47 36.62 -29.31
C LEU C 243 -1.10 35.49 -28.53
N VAL C 244 -2.41 35.34 -28.64
CA VAL C 244 -3.08 34.12 -28.20
C VAL C 244 -3.22 33.24 -29.44
N LEU C 245 -2.43 32.17 -29.50
CA LEU C 245 -2.44 31.29 -30.67
C LEU C 245 -3.61 30.32 -30.62
N ASN C 246 -3.97 29.85 -29.42
CA ASN C 246 -5.14 29.00 -29.25
C ASN C 246 -5.74 29.32 -27.88
N SER C 247 -6.96 29.84 -27.89
CA SER C 247 -7.57 30.32 -26.66
C SER C 247 -8.47 29.28 -26.01
N LYS C 248 -8.67 28.11 -26.64
CA LYS C 248 -9.57 27.09 -26.15
C LYS C 248 -8.87 25.81 -25.68
N ASN C 249 -7.61 25.60 -26.03
CA ASN C 249 -6.92 24.38 -25.67
C ASN C 249 -5.44 24.68 -25.50
N GLY C 250 -4.80 23.91 -24.62
CA GLY C 250 -3.37 24.00 -24.42
C GLY C 250 -2.68 22.72 -24.84
N LEU C 251 -1.53 22.41 -24.23
CA LEU C 251 -0.76 21.23 -24.60
C LEU C 251 -0.39 20.40 -23.35
N ASP C 252 -0.22 19.10 -23.55
CA ASP C 252 0.40 18.30 -22.51
C ASP C 252 1.92 18.50 -22.53
N LEU C 253 2.56 18.14 -21.43
CA LEU C 253 4.01 18.19 -21.37
C LEU C 253 4.64 17.47 -22.55
N ASN C 254 5.64 18.08 -23.17
CA ASN C 254 6.39 17.51 -24.29
C ASN C 254 5.58 17.35 -25.57
N CYS C 255 4.38 17.95 -25.67
CA CYS C 255 3.58 17.88 -26.89
C CYS C 255 3.71 19.12 -27.76
N GLY C 256 4.68 19.95 -27.47
CA GLY C 256 5.06 21.03 -28.37
C GLY C 256 6.50 20.83 -28.78
N SER C 257 6.84 21.35 -29.95
CA SER C 257 8.19 21.28 -30.46
C SER C 257 8.40 22.47 -31.38
N PHE C 258 9.65 22.71 -31.75
CA PHE C 258 10.00 23.88 -32.55
C PHE C 258 10.81 23.44 -33.75
N ASN C 259 10.48 24.00 -34.91
CA ASN C 259 11.13 23.61 -36.16
C ASN C 259 12.04 24.77 -36.59
N PRO C 260 13.34 24.72 -36.32
CA PRO C 260 14.23 25.80 -36.74
C PRO C 260 14.22 26.06 -38.24
N ALA C 261 14.05 25.02 -39.06
CA ALA C 261 14.09 25.22 -40.50
C ALA C 261 12.93 26.08 -40.98
N THR C 262 11.81 26.10 -40.28
CA THR C 262 10.65 26.85 -40.75
C THR C 262 10.27 27.98 -39.80
N ASN C 263 10.95 28.08 -38.66
CA ASN C 263 10.63 29.04 -37.61
C ASN C 263 9.20 28.85 -37.12
N GLU C 264 8.77 27.59 -37.03
CA GLU C 264 7.40 27.26 -36.67
C GLU C 264 7.31 26.49 -35.35
N PHE C 265 6.25 26.77 -34.62
CA PHE C 265 5.87 26.07 -33.40
C PHE C 265 4.93 24.94 -33.79
N ILE C 266 5.24 23.72 -33.38
CA ILE C 266 4.46 22.54 -33.71
C ILE C 266 3.74 22.09 -32.46
N CYS C 267 2.42 21.93 -32.55
CA CYS C 267 1.57 21.66 -31.39
C CYS C 267 0.73 20.42 -31.62
N CYS C 268 0.83 19.47 -30.72
CA CYS C 268 0.12 18.22 -30.84
C CYS C 268 -0.99 18.16 -29.79
N LEU C 269 -2.24 18.32 -30.25
CA LEU C 269 -3.42 18.13 -29.42
C LEU C 269 -3.89 16.68 -29.58
N SER C 270 -5.05 16.35 -29.03
CA SER C 270 -5.45 14.94 -29.03
C SER C 270 -5.86 14.46 -30.41
N ASN C 271 -6.27 15.36 -31.30
CA ASN C 271 -6.75 14.97 -32.61
C ASN C 271 -6.13 15.76 -33.74
N PHE C 272 -5.28 16.74 -33.43
CA PHE C 272 -4.81 17.67 -34.44
C PHE C 272 -3.36 17.99 -34.16
N ILE C 273 -2.63 18.28 -35.23
CA ILE C 273 -1.33 18.94 -35.12
C ILE C 273 -1.51 20.34 -35.69
N GLU C 274 -1.19 21.35 -34.89
CA GLU C 274 -1.22 22.73 -35.33
C GLU C 274 0.20 23.25 -35.47
N PHE C 275 0.42 24.08 -36.49
CA PHE C 275 1.69 24.73 -36.74
C PHE C 275 1.48 26.24 -36.60
N PHE C 276 2.33 26.91 -35.83
CA PHE C 276 2.22 28.36 -35.67
C PHE C 276 3.55 29.04 -35.95
N SER C 277 3.49 30.17 -36.65
CA SER C 277 4.62 31.06 -36.83
C SER C 277 4.53 32.24 -35.87
N SER C 278 5.62 33.01 -35.78
CA SER C 278 5.66 34.19 -34.92
C SER C 278 4.62 35.23 -35.30
N SER C 279 4.22 35.28 -36.57
CA SER C 279 3.19 36.24 -36.96
C SER C 279 1.79 35.73 -36.66
N GLY C 280 1.69 34.58 -36.01
CA GLY C 280 0.40 34.02 -35.68
C GLY C 280 -0.24 33.24 -36.81
N LYS C 281 0.43 33.11 -37.94
CA LYS C 281 -0.05 32.23 -39.01
C LYS C 281 -0.25 30.82 -38.46
N LYS C 282 -0.90 29.98 -39.26
CA LYS C 282 -1.40 28.74 -38.72
C LYS C 282 -1.86 27.79 -39.82
N HIS C 283 -1.36 26.55 -39.82
CA HIS C 283 -1.98 25.48 -40.58
C HIS C 283 -2.05 24.23 -39.70
N GLN C 284 -2.87 23.27 -40.10
CA GLN C 284 -3.16 22.14 -39.22
C GLN C 284 -3.69 20.98 -40.04
N PHE C 285 -3.55 19.76 -39.47
CA PHE C 285 -4.16 18.57 -40.06
C PHE C 285 -4.50 17.58 -38.95
N ALA C 286 -5.49 16.74 -39.21
CA ALA C 286 -6.03 15.83 -38.23
C ALA C 286 -5.20 14.55 -38.14
N PHE C 287 -5.18 13.95 -36.96
CA PHE C 287 -4.42 12.74 -36.73
C PHE C 287 -4.86 12.12 -35.41
N ASP C 288 -5.08 10.81 -35.40
CA ASP C 288 -5.44 10.11 -34.17
C ASP C 288 -4.27 10.10 -33.19
N LEU C 289 -4.23 11.08 -32.29
CA LEU C 289 -3.13 11.24 -31.35
C LEU C 289 -3.58 11.12 -29.90
N SER C 290 -4.72 10.47 -29.65
CA SER C 290 -5.26 10.41 -28.29
C SER C 290 -4.25 9.78 -27.32
N LEU C 291 -3.50 8.78 -27.79
CA LEU C 291 -2.54 8.09 -26.93
C LEU C 291 -1.20 8.79 -26.88
N ARG C 292 -1.11 10.03 -27.36
CA ARG C 292 0.18 10.71 -27.48
C ARG C 292 0.85 10.86 -26.12
N LYS C 293 2.16 10.80 -26.14
CA LYS C 293 2.93 11.08 -24.94
C LYS C 293 3.98 12.16 -25.14
N ARG C 294 4.33 12.48 -26.39
CA ARG C 294 5.58 13.16 -26.67
C ARG C 294 5.74 13.40 -28.17
N ILE C 295 6.17 14.60 -28.59
CA ILE C 295 6.53 14.83 -29.98
C ILE C 295 7.93 15.42 -30.05
N PHE C 296 8.51 15.36 -31.26
CA PHE C 296 9.86 15.88 -31.44
C PHE C 296 10.06 16.22 -32.90
N CYS C 297 10.50 17.45 -33.18
CA CYS C 297 10.78 17.85 -34.56
C CYS C 297 12.08 17.20 -35.03
N VAL C 298 12.00 16.43 -36.11
CA VAL C 298 13.14 15.65 -36.63
C VAL C 298 13.96 16.47 -37.63
N ASP C 299 13.29 17.17 -38.54
CA ASP C 299 13.91 18.04 -39.53
C ASP C 299 12.82 18.94 -40.08
N LYS C 300 13.10 19.60 -41.20
CA LYS C 300 12.16 20.55 -41.81
C LYS C 300 10.76 19.94 -41.98
N ASP C 301 10.68 18.66 -42.35
CA ASP C 301 9.41 18.06 -42.74
C ASP C 301 8.84 17.05 -41.75
N HIS C 302 9.65 16.45 -40.88
CA HIS C 302 9.24 15.25 -40.16
C HIS C 302 9.07 15.51 -38.66
N ILE C 303 8.06 14.88 -38.10
CA ILE C 303 7.74 15.00 -36.69
C ILE C 303 7.73 13.60 -36.11
N LEU C 304 8.52 13.39 -35.07
CA LEU C 304 8.49 12.12 -34.36
C LEU C 304 7.41 12.17 -33.30
N ILE C 305 6.66 11.08 -33.18
CA ILE C 305 5.57 11.01 -32.22
C ILE C 305 5.70 9.73 -31.41
N VAL C 306 5.60 9.85 -30.09
CA VAL C 306 5.59 8.72 -29.17
C VAL C 306 4.19 8.57 -28.60
N THR C 307 3.60 7.39 -28.75
CA THR C 307 2.32 7.08 -28.13
C THR C 307 2.51 5.94 -27.14
N GLU C 308 1.45 5.64 -26.40
CA GLU C 308 1.43 4.56 -25.44
C GLU C 308 0.27 3.62 -25.77
N GLU C 309 0.51 2.31 -25.69
CA GLU C 309 -0.58 1.36 -25.90
C GLU C 309 -0.30 0.08 -25.13
N THR C 310 -1.25 -0.86 -25.21
CA THR C 310 -1.28 -2.04 -24.34
C THR C 310 -0.72 -3.28 -25.03
N ILE C 326 2.07 -2.44 -21.15
CA ILE C 326 2.24 -1.08 -21.66
C ILE C 326 3.53 -0.93 -22.47
N ILE C 327 3.37 -0.55 -23.74
CA ILE C 327 4.48 -0.33 -24.67
C ILE C 327 4.39 1.08 -25.21
N ASN C 328 5.48 1.54 -25.81
CA ASN C 328 5.54 2.82 -26.48
C ASN C 328 5.67 2.58 -27.97
N ARG C 329 4.79 3.20 -28.76
CA ARG C 329 4.91 3.20 -30.20
C ARG C 329 5.60 4.48 -30.63
N ILE C 330 6.58 4.34 -31.54
CA ILE C 330 7.33 5.47 -32.07
C ILE C 330 7.06 5.54 -33.56
N PHE C 331 6.60 6.69 -34.03
CA PHE C 331 6.46 6.84 -35.47
C PHE C 331 6.80 8.26 -35.90
N ILE C 332 7.17 8.37 -37.17
CA ILE C 332 7.57 9.63 -37.76
C ILE C 332 6.57 9.99 -38.84
N ILE C 333 6.04 11.20 -38.76
CA ILE C 333 5.12 11.75 -39.75
C ILE C 333 5.91 12.60 -40.73
N ASP C 334 5.64 12.43 -42.02
CA ASP C 334 6.07 13.39 -43.02
C ASP C 334 4.94 14.41 -43.16
N ALA C 335 5.13 15.60 -42.59
CA ALA C 335 4.05 16.57 -42.58
C ALA C 335 3.81 17.14 -43.97
N LYS C 336 4.86 17.20 -44.80
CA LYS C 336 4.73 17.76 -46.14
C LYS C 336 3.92 16.85 -47.05
N ASN C 337 4.18 15.54 -47.00
CA ASN C 337 3.54 14.59 -47.89
C ASN C 337 2.36 13.85 -47.26
N LYS C 338 2.18 13.97 -45.94
CA LYS C 338 1.08 13.30 -45.23
C LYS C 338 1.21 11.77 -45.31
N ILE C 339 2.42 11.27 -45.06
CA ILE C 339 2.66 9.84 -44.98
C ILE C 339 3.32 9.56 -43.64
N ILE C 340 3.27 8.29 -43.23
CA ILE C 340 4.05 7.79 -42.09
C ILE C 340 5.36 7.24 -42.62
N SER C 341 6.46 7.71 -42.05
CA SER C 341 7.78 7.38 -42.57
C SER C 341 8.54 6.36 -41.74
N LEU C 342 8.01 5.96 -40.58
CA LEU C 342 8.63 4.98 -39.68
C LEU C 342 7.62 4.62 -38.60
N ASN C 343 7.62 3.36 -38.18
CA ASN C 343 6.65 2.88 -37.20
C ASN C 343 7.22 1.65 -36.51
N PHE C 344 7.61 1.79 -35.24
CA PHE C 344 8.06 0.62 -34.49
C PHE C 344 7.68 0.79 -33.03
N VAL C 345 7.81 -0.29 -32.26
CA VAL C 345 7.42 -0.29 -30.85
C VAL C 345 8.61 -0.71 -30.00
N VAL C 346 8.64 -0.19 -28.77
CA VAL C 346 9.59 -0.59 -27.75
C VAL C 346 8.81 -1.05 -26.53
N SER C 347 9.33 -2.07 -25.85
CA SER C 347 8.74 -2.58 -24.61
C SER C 347 9.26 -1.84 -23.38
N SER C 348 9.47 -0.53 -23.51
CA SER C 348 10.11 0.28 -22.49
C SER C 348 9.66 1.71 -22.71
N ALA C 349 9.68 2.50 -21.65
CA ALA C 349 9.29 3.89 -21.78
C ALA C 349 10.45 4.74 -22.31
N ILE C 350 10.11 5.85 -22.96
CA ILE C 350 11.09 6.76 -23.53
C ILE C 350 11.52 7.76 -22.46
N ILE C 351 12.83 7.82 -22.20
CA ILE C 351 13.39 8.71 -21.19
C ILE C 351 13.61 10.11 -21.77
N ASP C 352 14.23 10.20 -22.94
CA ASP C 352 14.49 11.49 -23.55
C ASP C 352 14.79 11.27 -25.02
N ILE C 353 14.70 12.37 -25.76
CA ILE C 353 14.90 12.42 -27.21
C ILE C 353 15.81 13.59 -27.52
N PHE C 354 16.84 13.35 -28.33
CA PHE C 354 17.77 14.41 -28.70
C PHE C 354 18.29 14.14 -30.11
N SER C 355 19.07 15.08 -30.65
CA SER C 355 19.45 15.01 -32.05
CA SER C 355 19.50 14.94 -32.03
C SER C 355 20.81 15.69 -32.27
N THR C 356 21.46 15.31 -33.36
CA THR C 356 22.63 15.98 -33.88
C THR C 356 22.44 16.21 -35.38
N SER C 357 23.23 17.13 -35.92
CA SER C 357 23.19 17.52 -37.32
C SER C 357 24.59 17.59 -37.90
N GLN C 358 25.35 16.49 -37.76
CA GLN C 358 26.71 16.51 -38.28
C GLN C 358 26.68 16.50 -39.80
N SER C 359 26.62 17.70 -40.40
CA SER C 359 26.77 17.94 -41.83
C SER C 359 25.55 17.50 -42.64
N GLY C 360 24.48 18.30 -42.60
CA GLY C 360 23.30 18.05 -43.42
C GLY C 360 22.39 16.94 -42.91
N LYS C 361 22.98 15.82 -42.51
CA LYS C 361 22.25 14.67 -42.01
C LYS C 361 21.88 14.89 -40.54
N ASN C 362 20.57 14.93 -40.25
CA ASN C 362 20.11 14.92 -38.87
C ASN C 362 20.01 13.48 -38.39
N ILE C 363 20.42 13.26 -37.14
CA ILE C 363 20.30 11.95 -36.50
C ILE C 363 19.52 12.13 -35.21
N THR C 364 18.44 11.37 -35.08
CA THR C 364 17.56 11.42 -33.93
C THR C 364 17.83 10.23 -33.01
N TYR C 365 17.92 10.50 -31.72
CA TYR C 365 18.19 9.48 -30.71
C TYR C 365 17.01 9.39 -29.73
N LEU C 366 16.65 8.16 -29.39
CA LEU C 366 15.67 7.88 -28.34
C LEU C 366 16.38 7.13 -27.23
N LEU C 367 16.19 7.56 -25.99
CA LEU C 367 16.75 6.84 -24.86
C LEU C 367 15.61 6.19 -24.09
N THR C 368 15.65 4.86 -23.95
CA THR C 368 14.62 4.18 -23.20
C THR C 368 15.04 4.05 -21.74
N SER C 369 14.06 3.69 -20.91
CA SER C 369 14.29 3.55 -19.47
C SER C 369 15.13 2.32 -19.14
N GLU C 370 15.08 1.28 -19.97
CA GLU C 370 15.92 0.10 -19.78
C GLU C 370 17.33 0.28 -20.34
N GLY C 371 17.75 1.52 -20.61
CA GLY C 371 19.12 1.79 -21.03
C GLY C 371 19.45 1.40 -22.45
N VAL C 372 18.50 1.50 -23.36
CA VAL C 372 18.72 1.23 -24.78
C VAL C 372 18.58 2.53 -25.52
N MET C 373 19.51 2.80 -26.43
CA MET C 373 19.50 4.02 -27.22
C MET C 373 19.19 3.67 -28.67
N HIS C 374 18.07 4.18 -29.17
CA HIS C 374 17.70 3.99 -30.56
C HIS C 374 18.26 5.15 -31.40
N ARG C 375 18.97 4.80 -32.47
CA ARG C 375 19.53 5.77 -33.40
C ARG C 375 18.70 5.75 -34.67
N ILE C 376 18.14 6.89 -35.05
CA ILE C 376 17.18 7.00 -36.13
C ILE C 376 17.71 7.94 -37.19
N THR C 377 17.99 7.41 -38.39
CA THR C 377 18.50 8.21 -39.49
C THR C 377 17.70 7.93 -40.76
N PRO C 378 17.52 8.93 -41.61
CA PRO C 378 16.92 8.67 -42.92
C PRO C 378 17.80 7.76 -43.76
N LYS C 379 17.15 6.98 -44.62
CA LYS C 379 17.86 6.05 -45.47
C LYS C 379 17.77 6.53 -46.92
#